data_2YSC
#
_entry.id   2YSC
#
_entity_poly.entity_id   1
_entity_poly.type   'polypeptide(L)'
_entity_poly.pdbx_seq_one_letter_code
;GSSGSSGGLPPGWRKIHDAAGTYYWHVPSGSTQWQRPTW
;
_entity_poly.pdbx_strand_id   A
#
# COMPACT_ATOMS: atom_id res chain seq x y z
N GLY A 1 -8.86 -3.26 9.33
CA GLY A 1 -8.93 -4.13 10.50
C GLY A 1 -9.71 -3.52 11.64
N SER A 2 -11.03 -3.51 11.50
CA SER A 2 -11.91 -2.94 12.51
C SER A 2 -11.67 -3.61 13.87
N SER A 3 -11.85 -4.92 13.90
CA SER A 3 -11.67 -5.69 15.13
C SER A 3 -10.24 -5.53 15.66
N GLY A 4 -9.26 -5.74 14.80
CA GLY A 4 -7.87 -5.61 15.19
C GLY A 4 -7.12 -4.59 14.37
N SER A 5 -6.68 -3.51 15.01
CA SER A 5 -5.95 -2.45 14.32
C SER A 5 -4.58 -2.94 13.88
N SER A 6 -3.85 -3.56 14.80
CA SER A 6 -2.52 -4.08 14.50
C SER A 6 -2.44 -4.60 13.07
N GLY A 7 -1.54 -4.04 12.27
CA GLY A 7 -1.39 -4.47 10.90
C GLY A 7 -0.67 -3.44 10.05
N GLY A 8 0.37 -3.86 9.35
CA GLY A 8 1.12 -2.95 8.51
C GLY A 8 1.36 -3.51 7.12
N LEU A 9 2.33 -2.94 6.40
CA LEU A 9 2.64 -3.39 5.05
C LEU A 9 4.04 -3.99 4.99
N PRO A 10 4.20 -5.04 4.19
CA PRO A 10 5.48 -5.73 4.02
C PRO A 10 6.50 -4.89 3.27
N PRO A 11 7.77 -5.31 3.32
CA PRO A 11 8.86 -4.59 2.64
C PRO A 11 8.78 -4.71 1.12
N GLY A 12 8.46 -3.61 0.46
CA GLY A 12 8.35 -3.60 -0.98
C GLY A 12 7.24 -2.70 -1.48
N TRP A 13 6.31 -2.38 -0.60
CA TRP A 13 5.19 -1.52 -0.95
C TRP A 13 5.62 -0.07 -1.08
N ARG A 14 4.78 0.75 -1.71
CA ARG A 14 5.08 2.17 -1.90
C ARG A 14 3.80 2.98 -2.02
N LYS A 15 3.64 3.95 -1.14
CA LYS A 15 2.46 4.82 -1.15
C LYS A 15 2.67 6.02 -2.08
N ILE A 16 1.90 6.05 -3.16
CA ILE A 16 1.99 7.15 -4.12
C ILE A 16 0.86 8.14 -3.94
N HIS A 17 1.09 9.38 -4.34
CA HIS A 17 0.09 10.43 -4.23
C HIS A 17 -0.09 11.16 -5.56
N ASP A 18 -1.22 10.92 -6.23
CA ASP A 18 -1.52 11.55 -7.50
C ASP A 18 -2.79 12.38 -7.42
N ALA A 19 -2.94 13.32 -8.34
CA ALA A 19 -4.12 14.18 -8.37
C ALA A 19 -5.40 13.36 -8.35
N ALA A 20 -5.34 12.17 -8.95
CA ALA A 20 -6.50 11.29 -9.00
C ALA A 20 -6.85 10.76 -7.61
N GLY A 21 -5.83 10.36 -6.86
CA GLY A 21 -6.05 9.84 -5.52
C GLY A 21 -4.80 9.22 -4.92
N THR A 22 -4.98 8.16 -4.15
CA THR A 22 -3.87 7.47 -3.51
C THR A 22 -4.00 5.96 -3.66
N TYR A 23 -2.93 5.32 -4.13
CA TYR A 23 -2.92 3.88 -4.31
C TYR A 23 -1.60 3.28 -3.87
N TYR A 24 -1.64 2.00 -3.48
CA TYR A 24 -0.43 1.31 -3.02
C TYR A 24 0.12 0.40 -4.11
N TRP A 25 1.44 0.40 -4.27
CA TRP A 25 2.08 -0.43 -5.28
C TRP A 25 3.16 -1.31 -4.65
N HIS A 26 3.07 -2.61 -4.90
CA HIS A 26 4.04 -3.56 -4.36
C HIS A 26 5.14 -3.85 -5.37
N VAL A 27 6.39 -3.66 -4.95
CA VAL A 27 7.53 -3.90 -5.82
C VAL A 27 7.67 -5.39 -6.15
N PRO A 28 7.73 -6.22 -5.10
CA PRO A 28 7.85 -7.68 -5.27
C PRO A 28 6.59 -8.31 -5.83
N SER A 29 5.45 -8.00 -5.20
CA SER A 29 4.17 -8.55 -5.65
C SER A 29 3.66 -7.81 -6.89
N GLY A 30 4.44 -6.85 -7.36
CA GLY A 30 4.06 -6.08 -8.53
C GLY A 30 2.56 -5.88 -8.63
N SER A 31 1.91 -5.74 -7.47
CA SER A 31 0.47 -5.54 -7.43
C SER A 31 0.12 -4.10 -7.07
N THR A 32 -1.02 -3.62 -7.58
CA THR A 32 -1.46 -2.27 -7.32
C THR A 32 -2.93 -2.23 -6.93
N GLN A 33 -3.20 -1.89 -5.67
CA GLN A 33 -4.56 -1.82 -5.17
C GLN A 33 -4.93 -0.39 -4.76
N TRP A 34 -6.20 -0.18 -4.44
CA TRP A 34 -6.67 1.14 -4.04
C TRP A 34 -6.54 1.33 -2.53
N GLN A 35 -6.69 0.24 -1.79
CA GLN A 35 -6.59 0.28 -0.33
C GLN A 35 -5.24 -0.24 0.13
N ARG A 36 -5.06 -0.30 1.45
CA ARG A 36 -3.80 -0.78 2.03
C ARG A 36 -3.73 -2.31 1.96
N PRO A 37 -2.69 -2.83 1.29
CA PRO A 37 -2.48 -4.28 1.15
C PRO A 37 -2.09 -4.93 2.46
N THR A 38 -1.93 -6.25 2.43
CA THR A 38 -1.55 -7.01 3.62
C THR A 38 -0.43 -7.99 3.32
N TRP A 39 0.19 -8.51 4.37
CA TRP A 39 1.29 -9.46 4.21
C TRP A 39 0.82 -10.73 3.50
N GLY A 1 -6.85 4.81 16.97
CA GLY A 1 -8.27 4.50 16.90
C GLY A 1 -8.54 3.01 17.00
N SER A 2 -8.02 2.24 16.06
CA SER A 2 -8.22 0.80 16.05
C SER A 2 -7.48 0.15 17.21
N SER A 3 -6.18 0.39 17.29
CA SER A 3 -5.36 -0.18 18.35
C SER A 3 -5.67 -1.66 18.54
N GLY A 4 -5.80 -2.37 17.43
CA GLY A 4 -6.09 -3.79 17.49
C GLY A 4 -4.87 -4.65 17.18
N SER A 5 -5.02 -5.59 16.26
CA SER A 5 -3.93 -6.48 15.88
C SER A 5 -2.94 -5.77 14.95
N SER A 6 -1.71 -5.63 15.42
CA SER A 6 -0.67 -4.96 14.64
C SER A 6 -0.48 -5.66 13.29
N GLY A 7 -0.01 -4.90 12.31
CA GLY A 7 0.22 -5.46 10.98
C GLY A 7 1.09 -4.57 10.12
N GLY A 8 0.45 -3.75 9.28
CA GLY A 8 1.19 -2.86 8.40
C GLY A 8 1.50 -3.50 7.06
N LEU A 9 2.20 -2.76 6.21
CA LEU A 9 2.57 -3.26 4.88
C LEU A 9 3.97 -3.84 4.88
N PRO A 10 4.16 -4.93 4.12
CA PRO A 10 5.46 -5.61 4.01
C PRO A 10 6.48 -4.77 3.25
N PRO A 11 7.75 -5.20 3.31
CA PRO A 11 8.85 -4.51 2.62
C PRO A 11 8.77 -4.65 1.10
N GLY A 12 8.39 -3.56 0.44
CA GLY A 12 8.28 -3.58 -1.01
C GLY A 12 7.18 -2.67 -1.52
N TRP A 13 6.24 -2.33 -0.64
CA TRP A 13 5.13 -1.46 -1.01
C TRP A 13 5.58 -0.01 -1.10
N ARG A 14 4.77 0.82 -1.74
CA ARG A 14 5.08 2.23 -1.89
C ARG A 14 3.80 3.07 -2.04
N LYS A 15 3.66 4.07 -1.18
CA LYS A 15 2.49 4.93 -1.22
C LYS A 15 2.70 6.11 -2.18
N ILE A 16 1.93 6.12 -3.27
CA ILE A 16 2.04 7.17 -4.26
C ILE A 16 0.90 8.18 -4.12
N HIS A 17 1.20 9.44 -4.44
CA HIS A 17 0.20 10.49 -4.35
C HIS A 17 0.03 11.22 -5.67
N ASP A 18 -1.09 10.97 -6.35
CA ASP A 18 -1.36 11.60 -7.63
C ASP A 18 -2.61 12.47 -7.57
N ALA A 19 -2.90 13.17 -8.66
CA ALA A 19 -4.07 14.03 -8.72
C ALA A 19 -5.35 13.22 -8.56
N ALA A 20 -5.30 11.95 -8.92
CA ALA A 20 -6.46 11.07 -8.81
C ALA A 20 -6.72 10.68 -7.36
N GLY A 21 -5.64 10.36 -6.63
CA GLY A 21 -5.78 9.97 -5.24
C GLY A 21 -4.51 9.32 -4.70
N THR A 22 -4.68 8.32 -3.86
CA THR A 22 -3.55 7.61 -3.27
C THR A 22 -3.75 6.10 -3.31
N TYR A 23 -2.79 5.39 -3.90
CA TYR A 23 -2.87 3.94 -4.01
C TYR A 23 -1.61 3.29 -3.47
N TYR A 24 -1.61 1.96 -3.41
CA TYR A 24 -0.46 1.22 -2.91
C TYR A 24 0.10 0.30 -3.99
N TRP A 25 1.39 0.44 -4.26
CA TRP A 25 2.07 -0.37 -5.27
C TRP A 25 3.13 -1.26 -4.64
N HIS A 26 3.04 -2.56 -4.90
CA HIS A 26 4.01 -3.51 -4.36
C HIS A 26 5.12 -3.79 -5.37
N VAL A 27 6.37 -3.61 -4.92
CA VAL A 27 7.52 -3.84 -5.79
C VAL A 27 7.65 -5.32 -6.13
N PRO A 28 7.70 -6.17 -5.10
CA PRO A 28 7.82 -7.62 -5.27
C PRO A 28 6.57 -8.25 -5.85
N SER A 29 5.43 -7.95 -5.25
CA SER A 29 4.15 -8.48 -5.71
C SER A 29 3.66 -7.74 -6.94
N GLY A 30 4.44 -6.76 -7.39
CA GLY A 30 4.08 -5.99 -8.56
C GLY A 30 2.58 -5.80 -8.68
N SER A 31 1.91 -5.65 -7.54
CA SER A 31 0.46 -5.47 -7.52
C SER A 31 0.10 -4.05 -7.08
N THR A 32 -1.04 -3.57 -7.57
CA THR A 32 -1.51 -2.23 -7.23
C THR A 32 -2.98 -2.23 -6.87
N GLN A 33 -3.28 -2.00 -5.59
CA GLN A 33 -4.66 -1.98 -5.12
C GLN A 33 -5.03 -0.60 -4.60
N TRP A 34 -6.33 -0.31 -4.56
CA TRP A 34 -6.82 0.98 -4.09
C TRP A 34 -6.73 1.07 -2.58
N GLN A 35 -6.95 -0.05 -1.90
CA GLN A 35 -6.89 -0.09 -0.44
C GLN A 35 -5.50 -0.50 0.04
N ARG A 36 -5.34 -0.60 1.35
CA ARG A 36 -4.06 -0.99 1.94
C ARG A 36 -3.88 -2.50 1.91
N PRO A 37 -2.81 -2.96 1.27
CA PRO A 37 -2.50 -4.39 1.16
C PRO A 37 -2.08 -5.00 2.48
N THR A 38 -1.79 -6.30 2.48
CA THR A 38 -1.37 -6.99 3.68
C THR A 38 -0.30 -8.03 3.38
N TRP A 39 0.29 -8.60 4.42
CA TRP A 39 1.33 -9.61 4.26
C TRP A 39 0.74 -10.91 3.69
N GLY A 1 2.71 15.83 9.49
CA GLY A 1 3.03 15.13 10.72
C GLY A 1 2.90 13.62 10.56
N SER A 2 4.04 12.94 10.54
CA SER A 2 4.05 11.48 10.38
C SER A 2 4.00 10.80 11.74
N SER A 3 3.83 9.48 11.73
CA SER A 3 3.76 8.70 12.95
C SER A 3 5.00 7.82 13.12
N GLY A 4 5.11 7.17 14.27
CA GLY A 4 6.24 6.31 14.53
C GLY A 4 6.33 5.14 13.57
N SER A 5 5.24 4.40 13.46
CA SER A 5 5.19 3.23 12.58
C SER A 5 4.66 3.63 11.20
N SER A 6 5.23 3.04 10.16
CA SER A 6 4.82 3.33 8.79
C SER A 6 3.40 2.83 8.53
N GLY A 7 3.13 1.59 8.93
CA GLY A 7 1.82 1.02 8.73
C GLY A 7 1.83 -0.50 8.79
N GLY A 8 0.87 -1.13 8.12
CA GLY A 8 0.78 -2.58 8.12
C GLY A 8 1.08 -3.17 6.76
N LEU A 9 2.17 -2.73 6.14
CA LEU A 9 2.55 -3.22 4.82
C LEU A 9 3.96 -3.82 4.86
N PRO A 10 4.15 -4.92 4.10
CA PRO A 10 5.45 -5.60 4.03
C PRO A 10 6.49 -4.79 3.28
N PRO A 11 7.75 -5.23 3.35
CA PRO A 11 8.87 -4.55 2.69
C PRO A 11 8.81 -4.69 1.16
N GLY A 12 8.45 -3.60 0.50
CA GLY A 12 8.35 -3.62 -0.95
C GLY A 12 7.26 -2.71 -1.48
N TRP A 13 6.32 -2.34 -0.60
CA TRP A 13 5.22 -1.46 -0.98
C TRP A 13 5.69 -0.02 -1.06
N ARG A 14 4.89 0.82 -1.71
CA ARG A 14 5.21 2.24 -1.86
C ARG A 14 3.95 3.08 -2.00
N LYS A 15 3.82 4.10 -1.15
CA LYS A 15 2.67 4.98 -1.19
C LYS A 15 2.88 6.13 -2.17
N ILE A 16 2.10 6.12 -3.25
CA ILE A 16 2.21 7.18 -4.26
C ILE A 16 1.07 8.18 -4.14
N HIS A 17 1.31 9.40 -4.61
CA HIS A 17 0.29 10.45 -4.55
C HIS A 17 0.05 11.04 -5.93
N ASP A 18 -1.11 10.72 -6.50
CA ASP A 18 -1.47 11.23 -7.82
C ASP A 18 -2.75 12.06 -7.76
N ALA A 19 -3.05 12.76 -8.84
CA ALA A 19 -4.24 13.59 -8.92
C ALA A 19 -5.49 12.79 -8.55
N ALA A 20 -5.46 11.49 -8.85
CA ALA A 20 -6.60 10.62 -8.55
C ALA A 20 -6.75 10.42 -7.05
N GLY A 21 -5.63 10.18 -6.37
CA GLY A 21 -5.66 9.96 -4.94
C GLY A 21 -4.39 9.34 -4.41
N THR A 22 -4.53 8.33 -3.56
CA THR A 22 -3.38 7.64 -2.98
C THR A 22 -3.56 6.12 -3.04
N TYR A 23 -2.70 5.46 -3.79
CA TYR A 23 -2.76 4.01 -3.93
C TYR A 23 -1.50 3.35 -3.38
N TYR A 24 -1.50 2.03 -3.32
CA TYR A 24 -0.36 1.28 -2.81
C TYR A 24 0.21 0.36 -3.88
N TRP A 25 1.48 0.57 -4.22
CA TRP A 25 2.14 -0.25 -5.23
C TRP A 25 3.18 -1.17 -4.61
N HIS A 26 3.08 -2.46 -4.89
CA HIS A 26 4.01 -3.45 -4.36
C HIS A 26 5.14 -3.73 -5.35
N VAL A 27 6.38 -3.59 -4.88
CA VAL A 27 7.54 -3.83 -5.73
C VAL A 27 7.65 -5.31 -6.10
N PRO A 28 7.67 -6.18 -5.08
CA PRO A 28 7.76 -7.63 -5.27
C PRO A 28 6.51 -8.22 -5.89
N SER A 29 5.36 -7.90 -5.30
CA SER A 29 4.08 -8.40 -5.78
C SER A 29 3.64 -7.63 -7.03
N GLY A 30 4.43 -6.66 -7.43
CA GLY A 30 4.10 -5.85 -8.60
C GLY A 30 2.61 -5.66 -8.76
N SER A 31 1.90 -5.53 -7.64
CA SER A 31 0.46 -5.34 -7.66
C SER A 31 0.09 -3.95 -7.16
N THR A 32 -1.03 -3.42 -7.68
CA THR A 32 -1.49 -2.09 -7.29
C THR A 32 -2.97 -2.12 -6.94
N GLN A 33 -3.28 -1.91 -5.66
CA GLN A 33 -4.66 -1.90 -5.20
C GLN A 33 -5.05 -0.53 -4.66
N TRP A 34 -6.35 -0.29 -4.56
CA TRP A 34 -6.85 0.99 -4.06
C TRP A 34 -6.79 1.04 -2.53
N GLN A 35 -7.08 -0.09 -1.90
CA GLN A 35 -7.06 -0.18 -0.44
C GLN A 35 -5.66 -0.51 0.06
N ARG A 36 -5.52 -0.66 1.37
CA ARG A 36 -4.24 -0.98 1.97
C ARG A 36 -3.96 -2.49 1.91
N PRO A 37 -2.87 -2.85 1.22
CA PRO A 37 -2.47 -4.25 1.06
C PRO A 37 -1.98 -4.87 2.37
N THR A 38 -2.11 -6.18 2.48
CA THR A 38 -1.69 -6.90 3.69
C THR A 38 -0.74 -8.04 3.34
N TRP A 39 0.18 -8.33 4.26
CA TRP A 39 1.14 -9.41 4.04
C TRP A 39 0.53 -10.56 3.27
N GLY A 1 -1.84 5.11 13.77
CA GLY A 1 -0.92 6.14 14.19
C GLY A 1 -0.14 6.74 13.03
N SER A 2 0.69 7.74 13.34
CA SER A 2 1.49 8.40 12.31
C SER A 2 2.97 8.38 12.69
N SER A 3 3.26 8.73 13.93
CA SER A 3 4.65 8.76 14.41
C SER A 3 5.15 7.35 14.68
N GLY A 4 5.80 6.76 13.67
CA GLY A 4 6.33 5.43 13.82
C GLY A 4 5.24 4.37 13.81
N SER A 5 5.05 3.73 12.66
CA SER A 5 4.03 2.70 12.52
C SER A 5 4.67 1.32 12.45
N SER A 6 4.38 0.49 13.45
CA SER A 6 4.93 -0.87 13.50
C SER A 6 3.85 -1.90 13.19
N GLY A 7 3.97 -2.54 12.02
CA GLY A 7 3.00 -3.54 11.64
C GLY A 7 1.97 -3.01 10.66
N GLY A 8 2.04 -3.47 9.41
CA GLY A 8 1.11 -3.02 8.40
C GLY A 8 1.39 -3.64 7.04
N LEU A 9 2.27 -3.01 6.28
CA LEU A 9 2.62 -3.50 4.95
C LEU A 9 4.02 -4.08 4.94
N PRO A 10 4.21 -5.16 4.16
CA PRO A 10 5.51 -5.84 4.04
C PRO A 10 6.54 -5.00 3.30
N PRO A 11 7.80 -5.42 3.33
CA PRO A 11 8.91 -4.72 2.67
C PRO A 11 8.82 -4.83 1.15
N GLY A 12 8.55 -3.70 0.50
CA GLY A 12 8.45 -3.69 -0.96
C GLY A 12 7.33 -2.80 -1.45
N TRP A 13 6.39 -2.47 -0.56
CA TRP A 13 5.26 -1.62 -0.91
C TRP A 13 5.70 -0.16 -1.01
N ARG A 14 4.83 0.67 -1.60
CA ARG A 14 5.13 2.09 -1.76
C ARG A 14 3.84 2.89 -1.94
N LYS A 15 3.64 3.89 -1.09
CA LYS A 15 2.47 4.74 -1.15
C LYS A 15 2.68 5.90 -2.10
N ILE A 16 1.94 5.92 -3.19
CA ILE A 16 2.04 7.00 -4.18
C ILE A 16 0.91 7.99 -4.03
N HIS A 17 1.16 9.24 -4.44
CA HIS A 17 0.16 10.29 -4.35
C HIS A 17 -0.06 10.94 -5.71
N ASP A 18 -1.21 10.66 -6.31
CA ASP A 18 -1.55 11.22 -7.61
C ASP A 18 -2.80 12.09 -7.53
N ALA A 19 -3.02 12.90 -8.56
CA ALA A 19 -4.19 13.78 -8.60
C ALA A 19 -5.48 12.99 -8.46
N ALA A 20 -5.45 11.73 -8.87
CA ALA A 20 -6.61 10.85 -8.80
C ALA A 20 -6.89 10.45 -7.35
N GLY A 21 -5.83 10.18 -6.60
CA GLY A 21 -5.98 9.78 -5.22
C GLY A 21 -4.71 9.18 -4.63
N THR A 22 -4.87 8.21 -3.74
CA THR A 22 -3.74 7.55 -3.12
C THR A 22 -3.87 6.03 -3.19
N TYR A 23 -2.92 5.40 -3.88
CA TYR A 23 -2.94 3.95 -4.02
C TYR A 23 -1.62 3.34 -3.55
N TYR A 24 -1.61 2.03 -3.36
CA TYR A 24 -0.41 1.33 -2.91
C TYR A 24 0.15 0.44 -4.01
N TRP A 25 1.46 0.51 -4.21
CA TRP A 25 2.13 -0.29 -5.23
C TRP A 25 3.18 -1.20 -4.62
N HIS A 26 3.04 -2.50 -4.88
CA HIS A 26 3.99 -3.48 -4.34
C HIS A 26 5.11 -3.74 -5.34
N VAL A 27 6.35 -3.60 -4.89
CA VAL A 27 7.52 -3.83 -5.73
C VAL A 27 7.64 -5.30 -6.12
N PRO A 28 7.66 -6.18 -5.09
CA PRO A 28 7.78 -7.62 -5.30
C PRO A 28 6.53 -8.23 -5.92
N SER A 29 5.38 -7.93 -5.32
CA SER A 29 4.10 -8.44 -5.82
C SER A 29 3.66 -7.68 -7.06
N GLY A 30 4.42 -6.65 -7.43
CA GLY A 30 4.08 -5.86 -8.59
C GLY A 30 2.59 -5.65 -8.74
N SER A 31 1.87 -5.69 -7.62
CA SER A 31 0.43 -5.50 -7.62
C SER A 31 0.06 -4.11 -7.10
N THR A 32 -0.87 -3.46 -7.78
CA THR A 32 -1.32 -2.13 -7.38
C THR A 32 -2.80 -2.13 -7.03
N GLN A 33 -3.10 -1.82 -5.77
CA GLN A 33 -4.48 -1.78 -5.29
C GLN A 33 -4.89 -0.37 -4.93
N TRP A 34 -6.18 -0.18 -4.63
CA TRP A 34 -6.70 1.13 -4.25
C TRP A 34 -6.67 1.32 -2.75
N GLN A 35 -6.83 0.22 -2.01
CA GLN A 35 -6.81 0.27 -0.55
C GLN A 35 -5.45 -0.13 0.00
N ARG A 36 -5.35 -0.20 1.32
CA ARG A 36 -4.09 -0.56 1.97
C ARG A 36 -3.87 -2.07 1.91
N PRO A 37 -2.74 -2.48 1.31
CA PRO A 37 -2.39 -3.90 1.16
C PRO A 37 -2.02 -4.53 2.50
N THR A 38 -1.66 -5.81 2.46
CA THR A 38 -1.28 -6.54 3.66
C THR A 38 -0.31 -7.67 3.35
N TRP A 39 0.17 -8.34 4.39
CA TRP A 39 1.10 -9.45 4.21
C TRP A 39 0.46 -10.59 3.43
N GLY A 1 -2.67 13.36 3.31
CA GLY A 1 -2.66 13.40 4.76
C GLY A 1 -2.66 12.01 5.37
N SER A 2 -1.49 11.36 5.36
CA SER A 2 -1.37 10.02 5.91
C SER A 2 -1.76 9.99 7.39
N SER A 3 -1.12 10.84 8.18
CA SER A 3 -1.40 10.91 9.61
C SER A 3 -1.51 9.51 10.21
N GLY A 4 -0.60 8.63 9.82
CA GLY A 4 -0.60 7.27 10.32
C GLY A 4 0.65 6.51 9.97
N SER A 5 1.69 6.68 10.80
CA SER A 5 2.97 6.01 10.56
C SER A 5 3.01 4.67 11.29
N SER A 6 1.92 3.91 11.20
CA SER A 6 1.84 2.61 11.86
C SER A 6 2.26 1.50 10.90
N GLY A 7 3.18 0.66 11.36
CA GLY A 7 3.66 -0.44 10.54
C GLY A 7 2.55 -1.38 10.12
N GLY A 8 2.74 -2.06 9.00
CA GLY A 8 1.73 -2.99 8.51
C GLY A 8 2.11 -3.61 7.19
N LEU A 9 2.19 -2.79 6.15
CA LEU A 9 2.54 -3.27 4.82
C LEU A 9 3.95 -3.87 4.80
N PRO A 10 4.12 -4.96 4.04
CA PRO A 10 5.41 -5.64 3.92
C PRO A 10 6.44 -4.82 3.16
N PRO A 11 7.70 -5.27 3.19
CA PRO A 11 8.81 -4.59 2.51
C PRO A 11 8.70 -4.70 0.99
N GLY A 12 8.35 -3.59 0.35
CA GLY A 12 8.23 -3.59 -1.10
C GLY A 12 7.14 -2.65 -1.58
N TRP A 13 6.19 -2.34 -0.71
CA TRP A 13 5.09 -1.46 -1.05
C TRP A 13 5.56 0.00 -1.09
N ARG A 14 4.77 0.85 -1.74
CA ARG A 14 5.11 2.26 -1.86
C ARG A 14 3.84 3.11 -2.01
N LYS A 15 3.70 4.12 -1.15
CA LYS A 15 2.55 4.99 -1.19
C LYS A 15 2.78 6.17 -2.13
N ILE A 16 2.03 6.20 -3.22
CA ILE A 16 2.15 7.27 -4.21
C ILE A 16 1.04 8.30 -4.05
N HIS A 17 1.31 9.53 -4.48
CA HIS A 17 0.35 10.61 -4.38
C HIS A 17 0.13 11.27 -5.74
N ASP A 18 -1.03 11.01 -6.33
CA ASP A 18 -1.36 11.58 -7.63
C ASP A 18 -2.62 12.45 -7.55
N ALA A 19 -2.90 13.18 -8.62
CA ALA A 19 -4.06 14.06 -8.66
C ALA A 19 -5.35 13.25 -8.49
N ALA A 20 -5.32 11.99 -8.86
CA ALA A 20 -6.48 11.11 -8.75
C ALA A 20 -6.70 10.69 -7.30
N GLY A 21 -5.61 10.37 -6.61
CA GLY A 21 -5.72 9.96 -5.22
C GLY A 21 -4.45 9.30 -4.72
N THR A 22 -4.60 8.33 -3.81
CA THR A 22 -3.45 7.63 -3.25
C THR A 22 -3.68 6.12 -3.27
N TYR A 23 -2.74 5.39 -3.86
CA TYR A 23 -2.84 3.94 -3.95
C TYR A 23 -1.58 3.28 -3.40
N TYR A 24 -1.59 1.95 -3.36
CA TYR A 24 -0.45 1.19 -2.85
C TYR A 24 0.12 0.28 -3.93
N TRP A 25 1.39 0.49 -4.26
CA TRP A 25 2.07 -0.31 -5.28
C TRP A 25 3.12 -1.22 -4.66
N HIS A 26 3.01 -2.51 -4.91
CA HIS A 26 3.96 -3.48 -4.37
C HIS A 26 5.09 -3.74 -5.36
N VAL A 27 6.32 -3.59 -4.91
CA VAL A 27 7.49 -3.81 -5.75
C VAL A 27 7.63 -5.29 -6.12
N PRO A 28 7.65 -6.15 -5.10
CA PRO A 28 7.78 -7.59 -5.30
C PRO A 28 6.53 -8.22 -5.91
N SER A 29 5.38 -7.92 -5.31
CA SER A 29 4.10 -8.44 -5.80
C SER A 29 3.65 -7.70 -7.05
N GLY A 30 4.44 -6.69 -7.45
CA GLY A 30 4.09 -5.90 -8.62
C GLY A 30 2.59 -5.73 -8.78
N SER A 31 1.88 -5.63 -7.66
CA SER A 31 0.43 -5.47 -7.69
C SER A 31 0.03 -4.08 -7.17
N THR A 32 -0.98 -3.50 -7.81
CA THR A 32 -1.46 -2.18 -7.42
C THR A 32 -2.95 -2.21 -7.06
N GLN A 33 -3.25 -2.03 -5.78
CA GLN A 33 -4.62 -2.04 -5.31
C GLN A 33 -5.03 -0.68 -4.76
N TRP A 34 -6.33 -0.44 -4.67
CA TRP A 34 -6.85 0.82 -4.16
C TRP A 34 -6.82 0.84 -2.64
N GLN A 35 -7.03 -0.32 -2.03
CA GLN A 35 -7.03 -0.43 -0.57
C GLN A 35 -5.63 -0.68 -0.04
N ARG A 36 -5.52 -0.91 1.26
CA ARG A 36 -4.23 -1.16 1.90
C ARG A 36 -3.93 -2.65 1.92
N PRO A 37 -2.82 -3.04 1.27
CA PRO A 37 -2.40 -4.45 1.20
C PRO A 37 -1.90 -4.97 2.55
N THR A 38 -1.90 -6.30 2.69
CA THR A 38 -1.44 -6.92 3.93
C THR A 38 -0.52 -8.10 3.65
N TRP A 39 0.40 -8.36 4.57
CA TRP A 39 1.34 -9.46 4.42
C TRP A 39 1.04 -10.58 5.40
N GLY A 1 -12.40 -5.36 1.32
CA GLY A 1 -13.04 -4.68 2.44
C GLY A 1 -13.01 -5.51 3.71
N SER A 2 -12.20 -5.09 4.68
CA SER A 2 -12.08 -5.80 5.94
C SER A 2 -11.69 -4.84 7.07
N SER A 3 -12.30 -5.03 8.24
CA SER A 3 -12.03 -4.20 9.39
C SER A 3 -10.79 -4.68 10.14
N GLY A 4 -10.39 -3.92 11.16
CA GLY A 4 -9.22 -4.30 11.93
C GLY A 4 -8.63 -3.11 12.69
N SER A 5 -8.12 -3.38 13.88
CA SER A 5 -7.51 -2.33 14.71
C SER A 5 -6.18 -1.89 14.13
N SER A 6 -5.39 -2.86 13.69
CA SER A 6 -4.07 -2.57 13.11
C SER A 6 -3.84 -3.38 11.84
N GLY A 7 -2.74 -3.10 11.17
CA GLY A 7 -2.41 -3.81 9.93
C GLY A 7 -0.95 -3.72 9.59
N GLY A 8 -0.63 -2.89 8.59
CA GLY A 8 0.75 -2.73 8.18
C GLY A 8 0.99 -3.27 6.77
N LEU A 9 2.16 -2.96 6.22
CA LEU A 9 2.52 -3.41 4.88
C LEU A 9 3.92 -4.00 4.86
N PRO A 10 4.10 -5.06 4.06
CA PRO A 10 5.39 -5.74 3.93
C PRO A 10 6.42 -4.90 3.20
N PRO A 11 7.70 -5.32 3.26
CA PRO A 11 8.80 -4.61 2.61
C PRO A 11 8.75 -4.72 1.09
N GLY A 12 8.37 -3.63 0.43
CA GLY A 12 8.29 -3.63 -1.01
C GLY A 12 7.20 -2.72 -1.53
N TRP A 13 6.24 -2.38 -0.66
CA TRP A 13 5.13 -1.52 -1.03
C TRP A 13 5.58 -0.06 -1.12
N ARG A 14 4.75 0.77 -1.71
CA ARG A 14 5.06 2.19 -1.86
C ARG A 14 3.79 3.02 -2.03
N LYS A 15 3.61 4.00 -1.15
CA LYS A 15 2.44 4.87 -1.20
C LYS A 15 2.67 6.05 -2.13
N ILE A 16 1.93 6.09 -3.23
CA ILE A 16 2.05 7.17 -4.20
C ILE A 16 0.90 8.16 -4.08
N HIS A 17 1.18 9.42 -4.38
CA HIS A 17 0.15 10.46 -4.30
C HIS A 17 0.01 11.18 -5.65
N ASP A 18 -1.10 10.92 -6.34
CA ASP A 18 -1.35 11.53 -7.63
C ASP A 18 -2.65 12.35 -7.59
N ALA A 19 -2.86 13.15 -8.63
CA ALA A 19 -4.06 13.98 -8.73
C ALA A 19 -5.32 13.15 -8.50
N ALA A 20 -5.31 11.92 -8.99
CA ALA A 20 -6.45 11.02 -8.84
C ALA A 20 -6.69 10.68 -7.36
N GLY A 21 -5.61 10.36 -6.66
CA GLY A 21 -5.73 10.02 -5.26
C GLY A 21 -4.47 9.37 -4.71
N THR A 22 -4.64 8.35 -3.87
CA THR A 22 -3.51 7.64 -3.28
C THR A 22 -3.72 6.14 -3.34
N TYR A 23 -2.73 5.43 -3.89
CA TYR A 23 -2.81 3.98 -4.01
C TYR A 23 -1.55 3.33 -3.43
N TYR A 24 -1.52 2.00 -3.48
CA TYR A 24 -0.38 1.25 -2.97
C TYR A 24 0.19 0.33 -4.03
N TRP A 25 1.47 0.54 -4.35
CA TRP A 25 2.14 -0.28 -5.36
C TRP A 25 3.18 -1.20 -4.72
N HIS A 26 3.07 -2.49 -4.99
CA HIS A 26 4.00 -3.47 -4.45
C HIS A 26 5.14 -3.74 -5.42
N VAL A 27 6.37 -3.58 -4.95
CA VAL A 27 7.54 -3.82 -5.78
C VAL A 27 7.68 -5.29 -6.14
N PRO A 28 7.68 -6.16 -5.12
CA PRO A 28 7.80 -7.61 -5.31
C PRO A 28 6.56 -8.22 -5.95
N SER A 29 5.39 -7.91 -5.38
CA SER A 29 4.14 -8.43 -5.89
C SER A 29 3.69 -7.66 -7.13
N GLY A 30 4.49 -6.68 -7.52
CA GLY A 30 4.17 -5.88 -8.69
C GLY A 30 2.68 -5.69 -8.88
N SER A 31 1.96 -5.53 -7.77
CA SER A 31 0.52 -5.36 -7.81
C SER A 31 0.13 -3.98 -7.27
N THR A 32 -0.98 -3.45 -7.76
CA THR A 32 -1.46 -2.14 -7.33
C THR A 32 -2.94 -2.20 -6.95
N GLN A 33 -3.24 -1.98 -5.68
CA GLN A 33 -4.61 -1.99 -5.20
C GLN A 33 -5.07 -0.60 -4.78
N TRP A 34 -6.36 -0.46 -4.51
CA TRP A 34 -6.92 0.82 -4.10
C TRP A 34 -6.93 0.95 -2.58
N GLN A 35 -6.99 -0.19 -1.89
CA GLN A 35 -7.00 -0.21 -0.44
C GLN A 35 -5.62 -0.52 0.12
N ARG A 36 -5.54 -0.67 1.44
CA ARG A 36 -4.27 -0.98 2.10
C ARG A 36 -4.01 -2.47 2.10
N PRO A 37 -2.92 -2.88 1.40
CA PRO A 37 -2.54 -4.29 1.31
C PRO A 37 -2.02 -4.84 2.63
N THR A 38 -1.78 -6.15 2.67
CA THR A 38 -1.28 -6.80 3.87
C THR A 38 -0.37 -7.97 3.53
N TRP A 39 0.40 -8.43 4.51
CA TRP A 39 1.31 -9.55 4.31
C TRP A 39 0.99 -10.69 5.26
N GLY A 1 -11.94 -7.50 2.99
CA GLY A 1 -12.07 -6.73 4.22
C GLY A 1 -11.08 -7.16 5.28
N SER A 2 -10.13 -6.27 5.59
CA SER A 2 -9.11 -6.56 6.59
C SER A 2 -9.28 -5.66 7.81
N SER A 3 -9.10 -6.23 9.00
CA SER A 3 -9.24 -5.47 10.24
C SER A 3 -8.39 -6.09 11.35
N GLY A 4 -7.88 -5.25 12.23
CA GLY A 4 -7.06 -5.74 13.33
C GLY A 4 -5.86 -6.52 12.86
N SER A 5 -4.70 -5.88 12.86
CA SER A 5 -3.47 -6.53 12.41
C SER A 5 -2.24 -5.76 12.90
N SER A 6 -1.39 -6.44 13.65
CA SER A 6 -0.18 -5.82 14.18
C SER A 6 0.96 -5.88 13.17
N GLY A 7 1.22 -4.76 12.51
CA GLY A 7 2.27 -4.71 11.52
C GLY A 7 2.06 -3.61 10.50
N GLY A 8 1.25 -3.89 9.48
CA GLY A 8 0.98 -2.91 8.44
C GLY A 8 1.21 -3.46 7.05
N LEU A 9 2.24 -2.96 6.38
CA LEU A 9 2.55 -3.41 5.03
C LEU A 9 3.96 -4.02 4.97
N PRO A 10 4.11 -5.08 4.17
CA PRO A 10 5.40 -5.76 4.00
C PRO A 10 6.41 -4.92 3.24
N PRO A 11 7.68 -5.35 3.26
CA PRO A 11 8.77 -4.66 2.57
C PRO A 11 8.65 -4.76 1.05
N GLY A 12 8.40 -3.62 0.41
CA GLY A 12 8.28 -3.61 -1.04
C GLY A 12 7.15 -2.70 -1.51
N TRP A 13 6.22 -2.40 -0.62
CA TRP A 13 5.09 -1.54 -0.95
C TRP A 13 5.53 -0.09 -1.06
N ARG A 14 4.70 0.74 -1.68
CA ARG A 14 5.00 2.16 -1.83
C ARG A 14 3.71 2.97 -1.98
N LYS A 15 3.54 3.96 -1.11
CA LYS A 15 2.36 4.81 -1.15
C LYS A 15 2.57 6.00 -2.08
N ILE A 16 1.83 6.02 -3.17
CA ILE A 16 1.94 7.11 -4.15
C ILE A 16 0.79 8.10 -3.99
N HIS A 17 1.02 9.33 -4.42
CA HIS A 17 0.01 10.38 -4.33
C HIS A 17 -0.12 11.13 -5.65
N ASP A 18 -1.23 10.89 -6.35
CA ASP A 18 -1.47 11.54 -7.63
C ASP A 18 -2.75 12.36 -7.59
N ALA A 19 -2.97 13.18 -8.61
CA ALA A 19 -4.16 14.01 -8.69
C ALA A 19 -5.42 13.19 -8.52
N ALA A 20 -5.42 11.98 -9.08
CA ALA A 20 -6.56 11.09 -8.99
C ALA A 20 -6.87 10.73 -7.54
N GLY A 21 -5.83 10.36 -6.80
CA GLY A 21 -5.99 9.99 -5.40
C GLY A 21 -4.75 9.37 -4.81
N THR A 22 -4.94 8.34 -4.00
CA THR A 22 -3.81 7.66 -3.36
C THR A 22 -3.96 6.14 -3.45
N TYR A 23 -2.92 5.48 -3.92
CA TYR A 23 -2.93 4.03 -4.06
C TYR A 23 -1.61 3.42 -3.58
N TYR A 24 -1.59 2.10 -3.48
CA TYR A 24 -0.40 1.39 -3.04
C TYR A 24 0.16 0.49 -4.14
N TRP A 25 1.48 0.38 -4.20
CA TRP A 25 2.14 -0.43 -5.21
C TRP A 25 3.20 -1.34 -4.58
N HIS A 26 3.10 -2.63 -4.85
CA HIS A 26 4.05 -3.60 -4.31
C HIS A 26 5.16 -3.89 -5.32
N VAL A 27 6.41 -3.69 -4.89
CA VAL A 27 7.55 -3.94 -5.76
C VAL A 27 7.68 -5.41 -6.09
N PRO A 28 7.72 -6.26 -5.05
CA PRO A 28 7.84 -7.71 -5.21
C PRO A 28 6.58 -8.33 -5.80
N SER A 29 5.44 -8.02 -5.19
CA SER A 29 4.16 -8.55 -5.65
C SER A 29 3.67 -7.81 -6.89
N GLY A 30 4.47 -6.84 -7.34
CA GLY A 30 4.10 -6.06 -8.51
C GLY A 30 2.60 -5.86 -8.62
N SER A 31 1.93 -5.75 -7.47
CA SER A 31 0.49 -5.54 -7.44
C SER A 31 0.15 -4.11 -7.02
N THR A 32 -0.94 -3.58 -7.57
CA THR A 32 -1.37 -2.23 -7.26
C THR A 32 -2.84 -2.20 -6.88
N GLN A 33 -3.11 -1.82 -5.63
CA GLN A 33 -4.49 -1.75 -5.14
C GLN A 33 -4.84 -0.33 -4.74
N TRP A 34 -6.12 -0.12 -4.40
CA TRP A 34 -6.59 1.20 -3.99
C TRP A 34 -6.49 1.38 -2.48
N GLN A 35 -6.61 0.27 -1.76
CA GLN A 35 -6.55 0.31 -0.30
C GLN A 35 -5.20 -0.23 0.19
N ARG A 36 -5.04 -0.29 1.51
CA ARG A 36 -3.81 -0.79 2.10
C ARG A 36 -3.74 -2.31 2.04
N PRO A 37 -2.73 -2.83 1.32
CA PRO A 37 -2.53 -4.27 1.16
C PRO A 37 -2.10 -4.95 2.46
N THR A 38 -1.79 -6.23 2.38
CA THR A 38 -1.36 -7.00 3.54
C THR A 38 -0.24 -7.96 3.19
N TRP A 39 0.30 -8.64 4.20
CA TRP A 39 1.38 -9.60 3.99
C TRP A 39 0.96 -10.69 3.01
N GLY A 1 0.37 12.89 5.67
CA GLY A 1 1.51 13.75 5.40
C GLY A 1 2.47 13.12 4.41
N SER A 2 3.70 13.63 4.37
CA SER A 2 4.72 13.13 3.46
C SER A 2 5.85 12.45 4.23
N SER A 3 5.65 11.19 4.57
CA SER A 3 6.65 10.43 5.31
C SER A 3 6.32 8.94 5.31
N GLY A 4 7.31 8.12 5.62
CA GLY A 4 7.11 6.68 5.64
C GLY A 4 5.85 6.28 6.40
N SER A 5 5.23 5.19 5.97
CA SER A 5 4.01 4.71 6.62
C SER A 5 4.34 3.68 7.69
N SER A 6 3.67 3.79 8.84
CA SER A 6 3.89 2.86 9.94
C SER A 6 2.66 1.98 10.17
N GLY A 7 2.10 1.47 9.08
CA GLY A 7 0.92 0.63 9.18
C GLY A 7 1.27 -0.84 9.34
N GLY A 8 0.89 -1.65 8.36
CA GLY A 8 1.18 -3.07 8.42
C GLY A 8 1.46 -3.67 7.05
N LEU A 9 2.22 -2.93 6.24
CA LEU A 9 2.56 -3.38 4.90
C LEU A 9 3.96 -3.98 4.87
N PRO A 10 4.14 -5.05 4.08
CA PRO A 10 5.42 -5.73 3.94
C PRO A 10 6.45 -4.89 3.20
N PRO A 11 7.71 -5.33 3.24
CA PRO A 11 8.82 -4.63 2.57
C PRO A 11 8.73 -4.74 1.05
N GLY A 12 8.44 -3.62 0.39
CA GLY A 12 8.32 -3.61 -1.05
C GLY A 12 7.23 -2.70 -1.55
N TRP A 13 6.28 -2.39 -0.67
CA TRP A 13 5.16 -1.53 -1.02
C TRP A 13 5.60 -0.07 -1.13
N ARG A 14 4.76 0.76 -1.72
CA ARG A 14 5.07 2.18 -1.89
C ARG A 14 3.78 3.01 -2.01
N LYS A 15 3.65 4.01 -1.15
CA LYS A 15 2.47 4.87 -1.15
C LYS A 15 2.67 6.05 -2.10
N ILE A 16 1.90 6.06 -3.19
CA ILE A 16 1.99 7.14 -4.17
C ILE A 16 0.84 8.13 -4.00
N HIS A 17 1.10 9.38 -4.35
CA HIS A 17 0.10 10.43 -4.24
C HIS A 17 0.00 11.24 -5.54
N ASP A 18 -1.08 11.03 -6.27
CA ASP A 18 -1.29 11.73 -7.54
C ASP A 18 -2.56 12.58 -7.49
N ALA A 19 -2.86 13.25 -8.60
CA ALA A 19 -4.05 14.09 -8.67
C ALA A 19 -5.32 13.26 -8.49
N ALA A 20 -5.29 12.03 -8.98
CA ALA A 20 -6.44 11.14 -8.87
C ALA A 20 -6.71 10.77 -7.41
N GLY A 21 -5.66 10.44 -6.68
CA GLY A 21 -5.80 10.07 -5.29
C GLY A 21 -4.56 9.42 -4.73
N THR A 22 -4.75 8.42 -3.87
CA THR A 22 -3.64 7.70 -3.26
C THR A 22 -3.83 6.19 -3.35
N TYR A 23 -2.82 5.49 -3.84
CA TYR A 23 -2.88 4.05 -3.97
C TYR A 23 -1.61 3.40 -3.44
N TYR A 24 -1.61 2.06 -3.39
CA TYR A 24 -0.46 1.31 -2.91
C TYR A 24 0.09 0.40 -3.99
N TRP A 25 1.39 0.51 -4.25
CA TRP A 25 2.04 -0.30 -5.27
C TRP A 25 3.09 -1.21 -4.64
N HIS A 26 3.02 -2.50 -4.95
CA HIS A 26 3.98 -3.48 -4.43
C HIS A 26 5.09 -3.74 -5.42
N VAL A 27 6.34 -3.60 -4.96
CA VAL A 27 7.50 -3.83 -5.82
C VAL A 27 7.63 -5.30 -6.18
N PRO A 28 7.65 -6.16 -5.15
CA PRO A 28 7.78 -7.61 -5.34
C PRO A 28 6.53 -8.23 -5.93
N SER A 29 5.38 -7.93 -5.34
CA SER A 29 4.11 -8.46 -5.81
C SER A 29 3.65 -7.73 -7.07
N GLY A 30 4.39 -6.70 -7.45
CA GLY A 30 4.06 -5.93 -8.63
C GLY A 30 2.56 -5.75 -8.79
N SER A 31 1.84 -5.79 -7.68
CA SER A 31 0.39 -5.64 -7.71
C SER A 31 -0.04 -4.30 -7.09
N THR A 32 -0.85 -3.55 -7.83
CA THR A 32 -1.32 -2.25 -7.36
C THR A 32 -2.80 -2.30 -7.02
N GLN A 33 -3.11 -2.08 -5.75
CA GLN A 33 -4.50 -2.10 -5.28
C GLN A 33 -4.95 -0.71 -4.88
N TRP A 34 -6.26 -0.55 -4.66
CA TRP A 34 -6.82 0.73 -4.26
C TRP A 34 -6.84 0.87 -2.74
N GLN A 35 -6.92 -0.25 -2.05
CA GLN A 35 -6.94 -0.25 -0.58
C GLN A 35 -5.55 -0.56 -0.02
N ARG A 36 -5.47 -0.68 1.29
CA ARG A 36 -4.21 -0.97 1.97
C ARG A 36 -3.91 -2.46 1.97
N PRO A 37 -2.80 -2.85 1.33
CA PRO A 37 -2.39 -4.25 1.24
C PRO A 37 -1.93 -4.80 2.59
N THR A 38 -1.70 -6.11 2.64
CA THR A 38 -1.25 -6.76 3.86
C THR A 38 -0.35 -7.95 3.56
N TRP A 39 0.42 -8.38 4.55
CA TRP A 39 1.32 -9.51 4.39
C TRP A 39 0.99 -10.62 5.37
N GLY A 1 -9.57 7.73 10.10
CA GLY A 1 -8.49 8.41 10.80
C GLY A 1 -7.19 7.63 10.73
N SER A 2 -6.79 7.06 11.87
CA SER A 2 -5.55 6.30 11.94
C SER A 2 -5.69 5.10 12.88
N SER A 3 -5.61 3.90 12.33
CA SER A 3 -5.74 2.68 13.12
C SER A 3 -4.49 2.46 13.98
N GLY A 4 -3.35 2.33 13.33
CA GLY A 4 -2.11 2.12 14.05
C GLY A 4 -1.86 0.65 14.36
N SER A 5 -1.88 -0.18 13.33
CA SER A 5 -1.67 -1.62 13.50
C SER A 5 -0.17 -1.95 13.46
N SER A 6 0.17 -3.10 14.01
CA SER A 6 1.56 -3.55 14.04
C SER A 6 2.00 -4.06 12.66
N GLY A 7 1.23 -4.99 12.12
CA GLY A 7 1.56 -5.56 10.82
C GLY A 7 1.81 -4.49 9.77
N GLY A 8 0.74 -3.93 9.23
CA GLY A 8 0.87 -2.89 8.21
C GLY A 8 1.14 -3.46 6.84
N LEU A 9 2.21 -3.00 6.20
CA LEU A 9 2.57 -3.47 4.87
C LEU A 9 3.99 -4.04 4.86
N PRO A 10 4.18 -5.11 4.08
CA PRO A 10 5.49 -5.78 3.97
C PRO A 10 6.51 -4.93 3.21
N PRO A 11 7.78 -5.35 3.27
CA PRO A 11 8.88 -4.64 2.61
C PRO A 11 8.80 -4.76 1.09
N GLY A 12 8.43 -3.66 0.44
CA GLY A 12 8.33 -3.67 -1.01
C GLY A 12 7.22 -2.77 -1.52
N TRP A 13 6.28 -2.43 -0.64
CA TRP A 13 5.16 -1.57 -1.00
C TRP A 13 5.60 -0.12 -1.09
N ARG A 14 4.78 0.70 -1.75
CA ARG A 14 5.09 2.12 -1.91
C ARG A 14 3.81 2.94 -2.02
N LYS A 15 3.67 3.94 -1.14
CA LYS A 15 2.50 4.79 -1.15
C LYS A 15 2.68 5.98 -2.09
N ILE A 16 1.91 6.01 -3.17
CA ILE A 16 1.99 7.08 -4.14
C ILE A 16 0.84 8.07 -3.98
N HIS A 17 1.08 9.32 -4.35
CA HIS A 17 0.06 10.36 -4.24
C HIS A 17 -0.04 11.15 -5.54
N ASP A 18 -1.14 10.93 -6.27
CA ASP A 18 -1.37 11.61 -7.54
C ASP A 18 -2.65 12.45 -7.47
N ALA A 19 -2.87 13.25 -8.52
CA ALA A 19 -4.05 14.10 -8.58
C ALA A 19 -5.33 13.26 -8.53
N ALA A 20 -5.23 12.02 -8.98
CA ALA A 20 -6.37 11.12 -9.00
C ALA A 20 -6.71 10.64 -7.59
N GLY A 21 -5.68 10.30 -6.82
CA GLY A 21 -5.89 9.83 -5.46
C GLY A 21 -4.65 9.19 -4.87
N THR A 22 -4.85 8.18 -4.04
CA THR A 22 -3.74 7.47 -3.40
C THR A 22 -3.90 5.96 -3.50
N TYR A 23 -2.85 5.29 -3.95
CA TYR A 23 -2.89 3.84 -4.09
C TYR A 23 -1.61 3.21 -3.55
N TYR A 24 -1.62 1.88 -3.40
CA TYR A 24 -0.47 1.16 -2.90
C TYR A 24 0.11 0.24 -3.96
N TRP A 25 1.37 0.47 -4.31
CA TRP A 25 2.05 -0.34 -5.32
C TRP A 25 3.10 -1.23 -4.68
N HIS A 26 3.04 -2.53 -5.00
CA HIS A 26 3.98 -3.49 -4.45
C HIS A 26 5.12 -3.76 -5.44
N VAL A 27 6.36 -3.59 -4.98
CA VAL A 27 7.52 -3.80 -5.82
C VAL A 27 7.68 -5.28 -6.18
N PRO A 28 7.70 -6.14 -5.15
CA PRO A 28 7.84 -7.58 -5.34
C PRO A 28 6.60 -8.20 -5.96
N SER A 29 5.44 -7.92 -5.37
CA SER A 29 4.18 -8.46 -5.87
C SER A 29 3.73 -7.72 -7.13
N GLY A 30 4.48 -6.69 -7.49
CA GLY A 30 4.14 -5.91 -8.68
C GLY A 30 2.64 -5.72 -8.84
N SER A 31 1.96 -5.44 -7.73
CA SER A 31 0.52 -5.24 -7.75
C SER A 31 0.16 -3.81 -7.36
N THR A 32 -1.03 -3.37 -7.77
CA THR A 32 -1.49 -2.03 -7.47
C THR A 32 -2.96 -2.02 -7.06
N GLN A 33 -3.23 -1.77 -5.79
CA GLN A 33 -4.59 -1.73 -5.28
C GLN A 33 -4.94 -0.35 -4.74
N TRP A 34 -6.23 -0.11 -4.54
CA TRP A 34 -6.70 1.17 -4.03
C TRP A 34 -6.71 1.17 -2.50
N GLN A 35 -6.92 0.00 -1.92
CA GLN A 35 -6.96 -0.14 -0.46
C GLN A 35 -5.57 -0.44 0.09
N ARG A 36 -5.50 -0.68 1.39
CA ARG A 36 -4.23 -0.97 2.05
C ARG A 36 -3.97 -2.48 2.07
N PRO A 37 -2.87 -2.89 1.42
CA PRO A 37 -2.48 -4.30 1.35
C PRO A 37 -2.01 -4.84 2.70
N THR A 38 -1.75 -6.15 2.75
CA THR A 38 -1.30 -6.78 3.97
C THR A 38 -0.46 -8.03 3.67
N TRP A 39 0.46 -8.35 4.58
CA TRP A 39 1.32 -9.51 4.41
C TRP A 39 0.94 -10.63 5.36
N GLY A 1 -13.39 -14.82 9.66
CA GLY A 1 -12.03 -15.31 9.54
C GLY A 1 -11.31 -15.39 10.87
N SER A 2 -10.18 -14.70 10.97
CA SER A 2 -9.40 -14.70 12.21
C SER A 2 -9.60 -13.40 12.98
N SER A 3 -10.01 -13.53 14.24
CA SER A 3 -10.24 -12.36 15.09
C SER A 3 -8.96 -11.57 15.28
N GLY A 4 -8.69 -10.65 14.35
CA GLY A 4 -7.49 -9.84 14.43
C GLY A 4 -6.50 -10.15 13.33
N SER A 5 -6.18 -9.14 12.53
CA SER A 5 -5.24 -9.31 11.43
C SER A 5 -4.13 -8.26 11.49
N SER A 6 -3.01 -8.62 12.11
CA SER A 6 -1.87 -7.72 12.24
C SER A 6 -1.68 -6.90 10.97
N GLY A 7 -1.61 -5.58 11.13
CA GLY A 7 -1.43 -4.71 9.99
C GLY A 7 0.04 -4.46 9.67
N GLY A 8 0.30 -3.42 8.89
CA GLY A 8 1.68 -3.10 8.52
C GLY A 8 2.07 -3.70 7.20
N LEU A 9 2.07 -2.88 6.15
CA LEU A 9 2.43 -3.34 4.82
C LEU A 9 3.84 -3.95 4.82
N PRO A 10 4.02 -5.02 4.04
CA PRO A 10 5.31 -5.72 3.92
C PRO A 10 6.35 -4.89 3.20
N PRO A 11 7.61 -5.33 3.27
CA PRO A 11 8.73 -4.64 2.61
C PRO A 11 8.68 -4.75 1.10
N GLY A 12 8.38 -3.63 0.43
CA GLY A 12 8.30 -3.63 -1.01
C GLY A 12 7.20 -2.70 -1.53
N TRP A 13 6.26 -2.36 -0.65
CA TRP A 13 5.15 -1.49 -1.03
C TRP A 13 5.61 -0.04 -1.12
N ARG A 14 4.82 0.78 -1.79
CA ARG A 14 5.14 2.20 -1.94
C ARG A 14 3.87 3.04 -2.06
N LYS A 15 3.74 4.02 -1.18
CA LYS A 15 2.58 4.91 -1.19
C LYS A 15 2.79 6.09 -2.12
N ILE A 16 2.02 6.14 -3.20
CA ILE A 16 2.11 7.22 -4.17
C ILE A 16 0.98 8.21 -4.01
N HIS A 17 1.22 9.46 -4.40
CA HIS A 17 0.22 10.51 -4.30
C HIS A 17 0.03 11.21 -5.64
N ASP A 18 -1.10 10.94 -6.29
CA ASP A 18 -1.40 11.56 -7.57
C ASP A 18 -2.68 12.39 -7.51
N ALA A 19 -2.97 13.11 -8.58
CA ALA A 19 -4.17 13.94 -8.64
C ALA A 19 -5.43 13.11 -8.44
N ALA A 20 -5.38 11.85 -8.88
CA ALA A 20 -6.52 10.95 -8.74
C ALA A 20 -6.75 10.58 -7.28
N GLY A 21 -5.66 10.26 -6.58
CA GLY A 21 -5.77 9.89 -5.18
C GLY A 21 -4.50 9.26 -4.65
N THR A 22 -4.65 8.25 -3.81
CA THR A 22 -3.51 7.56 -3.23
C THR A 22 -3.66 6.05 -3.32
N TYR A 23 -2.74 5.41 -4.03
CA TYR A 23 -2.78 3.96 -4.19
C TYR A 23 -1.51 3.31 -3.67
N TYR A 24 -1.56 2.00 -3.43
CA TYR A 24 -0.42 1.27 -2.93
C TYR A 24 0.15 0.34 -4.00
N TRP A 25 1.42 0.50 -4.32
CA TRP A 25 2.08 -0.32 -5.32
C TRP A 25 3.13 -1.23 -4.68
N HIS A 26 3.05 -2.52 -4.97
CA HIS A 26 4.01 -3.48 -4.42
C HIS A 26 5.14 -3.75 -5.42
N VAL A 27 6.37 -3.60 -4.94
CA VAL A 27 7.54 -3.82 -5.79
C VAL A 27 7.68 -5.29 -6.16
N PRO A 28 7.70 -6.17 -5.12
CA PRO A 28 7.83 -7.61 -5.31
C PRO A 28 6.58 -8.22 -5.93
N SER A 29 5.42 -7.92 -5.35
CA SER A 29 4.15 -8.45 -5.84
C SER A 29 3.69 -7.69 -7.08
N GLY A 30 4.48 -6.70 -7.49
CA GLY A 30 4.15 -5.91 -8.66
C GLY A 30 2.64 -5.73 -8.82
N SER A 31 1.94 -5.60 -7.71
CA SER A 31 0.50 -5.42 -7.73
C SER A 31 0.10 -4.05 -7.22
N THR A 32 -0.98 -3.50 -7.76
CA THR A 32 -1.46 -2.19 -7.36
C THR A 32 -2.93 -2.23 -6.98
N GLN A 33 -3.22 -1.98 -5.71
CA GLN A 33 -4.60 -1.98 -5.22
C GLN A 33 -5.05 -0.58 -4.82
N TRP A 34 -6.34 -0.43 -4.55
CA TRP A 34 -6.89 0.86 -4.16
C TRP A 34 -6.91 1.00 -2.64
N GLN A 35 -6.89 -0.12 -1.94
CA GLN A 35 -6.90 -0.11 -0.48
C GLN A 35 -5.53 -0.46 0.08
N ARG A 36 -5.44 -0.58 1.39
CA ARG A 36 -4.18 -0.91 2.05
C ARG A 36 -3.92 -2.40 2.02
N PRO A 37 -2.83 -2.82 1.36
CA PRO A 37 -2.45 -4.23 1.25
C PRO A 37 -1.99 -4.80 2.58
N THR A 38 -1.81 -6.12 2.61
CA THR A 38 -1.35 -6.81 3.82
C THR A 38 -0.43 -7.97 3.48
N TRP A 39 0.32 -8.42 4.48
CA TRP A 39 1.26 -9.53 4.30
C TRP A 39 0.97 -10.65 5.28
N GLY A 1 -5.16 -10.03 12.52
CA GLY A 1 -6.46 -9.41 12.71
C GLY A 1 -6.99 -8.80 11.43
N SER A 2 -8.18 -8.21 11.51
CA SER A 2 -8.80 -7.58 10.34
C SER A 2 -8.83 -6.06 10.50
N SER A 3 -9.18 -5.60 11.69
CA SER A 3 -9.25 -4.17 11.96
C SER A 3 -8.73 -3.86 13.36
N GLY A 4 -8.24 -2.64 13.55
CA GLY A 4 -7.72 -2.23 14.84
C GLY A 4 -6.31 -1.67 14.76
N SER A 5 -5.50 -1.94 15.78
CA SER A 5 -4.13 -1.45 15.82
C SER A 5 -3.25 -2.22 14.83
N SER A 6 -3.42 -3.54 14.81
CA SER A 6 -2.63 -4.40 13.93
C SER A 6 -3.00 -4.15 12.46
N GLY A 7 -1.99 -3.90 11.64
CA GLY A 7 -2.23 -3.65 10.23
C GLY A 7 -1.09 -2.91 9.56
N GLY A 8 -0.09 -3.66 9.10
CA GLY A 8 1.06 -3.06 8.45
C GLY A 8 1.33 -3.64 7.07
N LEU A 9 2.26 -3.04 6.35
CA LEU A 9 2.61 -3.52 5.02
C LEU A 9 4.03 -4.10 5.00
N PRO A 10 4.20 -5.19 4.22
CA PRO A 10 5.49 -5.85 4.10
C PRO A 10 6.52 -5.03 3.33
N PRO A 11 7.79 -5.46 3.37
CA PRO A 11 8.88 -4.75 2.69
C PRO A 11 8.79 -4.87 1.17
N GLY A 12 8.60 -3.73 0.51
CA GLY A 12 8.49 -3.73 -0.93
C GLY A 12 7.36 -2.87 -1.44
N TRP A 13 6.44 -2.52 -0.53
CA TRP A 13 5.30 -1.69 -0.89
C TRP A 13 5.71 -0.24 -1.04
N ARG A 14 4.80 0.59 -1.56
CA ARG A 14 5.06 2.00 -1.77
C ARG A 14 3.77 2.79 -1.88
N LYS A 15 3.64 3.82 -1.06
CA LYS A 15 2.44 4.67 -1.07
C LYS A 15 2.58 5.80 -2.09
N ILE A 16 1.76 5.74 -3.14
CA ILE A 16 1.79 6.77 -4.18
C ILE A 16 0.62 7.73 -4.04
N HIS A 17 0.85 8.99 -4.39
CA HIS A 17 -0.19 10.02 -4.29
C HIS A 17 -0.23 10.84 -5.57
N ASP A 18 -1.29 10.64 -6.36
CA ASP A 18 -1.46 11.37 -7.61
C ASP A 18 -2.74 12.21 -7.59
N ALA A 19 -2.99 12.91 -8.68
CA ALA A 19 -4.19 13.75 -8.78
C ALA A 19 -5.45 12.95 -8.48
N ALA A 20 -5.51 11.73 -9.02
CA ALA A 20 -6.66 10.86 -8.80
C ALA A 20 -6.90 10.62 -7.31
N GLY A 21 -5.82 10.36 -6.58
CA GLY A 21 -5.93 10.12 -5.16
C GLY A 21 -4.68 9.50 -4.57
N THR A 22 -4.86 8.52 -3.70
CA THR A 22 -3.73 7.85 -3.06
C THR A 22 -3.85 6.33 -3.19
N TYR A 23 -2.85 5.71 -3.83
CA TYR A 23 -2.85 4.27 -4.01
C TYR A 23 -1.53 3.66 -3.55
N TYR A 24 -1.44 2.34 -3.59
CA TYR A 24 -0.24 1.64 -3.17
C TYR A 24 0.29 0.76 -4.30
N TRP A 25 1.60 0.51 -4.29
CA TRP A 25 2.23 -0.31 -5.31
C TRP A 25 3.26 -1.25 -4.69
N HIS A 26 3.08 -2.55 -4.88
CA HIS A 26 4.00 -3.54 -4.34
C HIS A 26 5.12 -3.84 -5.33
N VAL A 27 6.37 -3.68 -4.88
CA VAL A 27 7.52 -3.92 -5.73
C VAL A 27 7.64 -5.40 -6.08
N PRO A 28 7.65 -6.26 -5.05
CA PRO A 28 7.75 -7.72 -5.23
C PRO A 28 6.49 -8.31 -5.86
N SER A 29 5.34 -7.99 -5.28
CA SER A 29 4.06 -8.50 -5.77
C SER A 29 3.62 -7.74 -7.01
N GLY A 30 4.42 -6.77 -7.42
CA GLY A 30 4.10 -5.97 -8.58
C GLY A 30 2.61 -5.77 -8.76
N SER A 31 1.90 -5.62 -7.64
CA SER A 31 0.46 -5.43 -7.67
C SER A 31 0.07 -4.07 -7.12
N THR A 32 -0.87 -3.41 -7.79
CA THR A 32 -1.32 -2.09 -7.37
C THR A 32 -2.80 -2.10 -7.02
N GLN A 33 -3.11 -1.84 -5.76
CA GLN A 33 -4.50 -1.83 -5.29
C GLN A 33 -4.92 -0.41 -4.92
N TRP A 34 -6.20 -0.25 -4.62
CA TRP A 34 -6.75 1.06 -4.24
C TRP A 34 -6.75 1.23 -2.73
N GLN A 35 -6.80 0.11 -2.01
CA GLN A 35 -6.81 0.14 -0.56
C GLN A 35 -5.45 -0.27 0.01
N ARG A 36 -5.34 -0.27 1.33
CA ARG A 36 -4.09 -0.64 2.00
C ARG A 36 -3.87 -2.14 1.93
N PRO A 37 -2.76 -2.55 1.31
CA PRO A 37 -2.40 -3.97 1.16
C PRO A 37 -2.01 -4.61 2.48
N THR A 38 -1.75 -5.91 2.46
CA THR A 38 -1.37 -6.64 3.65
C THR A 38 -0.26 -7.64 3.36
N TRP A 39 0.30 -8.24 4.41
CA TRP A 39 1.37 -9.21 4.27
C TRP A 39 1.02 -10.24 3.18
N GLY A 1 -11.19 -0.50 15.13
CA GLY A 1 -10.58 0.21 16.23
C GLY A 1 -9.10 -0.12 16.39
N SER A 2 -8.26 0.88 16.21
CA SER A 2 -6.81 0.68 16.32
C SER A 2 -6.19 1.78 17.18
N SER A 3 -5.67 1.37 18.33
CA SER A 3 -5.04 2.32 19.26
C SER A 3 -4.18 3.33 18.50
N GLY A 4 -3.29 2.81 17.66
CA GLY A 4 -2.42 3.69 16.89
C GLY A 4 -1.83 2.99 15.68
N SER A 5 -1.19 3.76 14.80
CA SER A 5 -0.59 3.21 13.60
C SER A 5 0.89 2.90 13.82
N SER A 6 1.30 1.70 13.43
CA SER A 6 2.68 1.28 13.58
C SER A 6 2.93 -0.05 12.88
N GLY A 7 3.69 -0.02 11.79
CA GLY A 7 3.99 -1.23 11.05
C GLY A 7 2.75 -1.87 10.47
N GLY A 8 2.82 -2.26 9.20
CA GLY A 8 1.68 -2.88 8.55
C GLY A 8 2.05 -3.52 7.22
N LEU A 9 2.25 -2.70 6.21
CA LEU A 9 2.61 -3.21 4.89
C LEU A 9 4.03 -3.80 4.89
N PRO A 10 4.21 -4.90 4.14
CA PRO A 10 5.50 -5.58 4.04
C PRO A 10 6.52 -4.76 3.27
N PRO A 11 7.79 -5.21 3.30
CA PRO A 11 8.89 -4.54 2.61
C PRO A 11 8.78 -4.67 1.10
N GLY A 12 8.41 -3.58 0.43
CA GLY A 12 8.28 -3.61 -1.01
C GLY A 12 7.18 -2.68 -1.52
N TRP A 13 6.25 -2.35 -0.63
CA TRP A 13 5.14 -1.47 -0.99
C TRP A 13 5.60 -0.02 -1.05
N ARG A 14 4.82 0.82 -1.72
CA ARG A 14 5.15 2.24 -1.85
C ARG A 14 3.89 3.08 -2.00
N LYS A 15 3.75 4.10 -1.16
CA LYS A 15 2.60 4.98 -1.20
C LYS A 15 2.82 6.13 -2.18
N ILE A 16 2.05 6.13 -3.26
CA ILE A 16 2.16 7.18 -4.28
C ILE A 16 1.01 8.18 -4.16
N HIS A 17 1.30 9.43 -4.49
CA HIS A 17 0.29 10.49 -4.43
C HIS A 17 0.07 11.11 -5.81
N ASP A 18 -1.07 10.81 -6.41
CA ASP A 18 -1.41 11.35 -7.73
C ASP A 18 -2.67 12.19 -7.67
N ALA A 19 -3.05 12.76 -8.81
CA ALA A 19 -4.24 13.59 -8.89
C ALA A 19 -5.49 12.80 -8.50
N ALA A 20 -5.52 11.53 -8.88
CA ALA A 20 -6.65 10.66 -8.57
C ALA A 20 -6.78 10.45 -7.06
N GLY A 21 -5.65 10.20 -6.40
CA GLY A 21 -5.65 9.98 -4.97
C GLY A 21 -4.38 9.35 -4.46
N THR A 22 -4.51 8.34 -3.62
CA THR A 22 -3.35 7.65 -3.06
C THR A 22 -3.54 6.14 -3.10
N TYR A 23 -2.67 5.44 -3.83
CA TYR A 23 -2.75 4.00 -3.96
C TYR A 23 -1.50 3.34 -3.39
N TYR A 24 -1.50 2.01 -3.36
CA TYR A 24 -0.37 1.26 -2.84
C TYR A 24 0.20 0.32 -3.90
N TRP A 25 1.47 0.52 -4.24
CA TRP A 25 2.14 -0.30 -5.25
C TRP A 25 3.18 -1.21 -4.61
N HIS A 26 3.09 -2.51 -4.90
CA HIS A 26 4.04 -3.48 -4.36
C HIS A 26 5.15 -3.77 -5.35
N VAL A 27 6.39 -3.62 -4.90
CA VAL A 27 7.55 -3.87 -5.75
C VAL A 27 7.67 -5.35 -6.10
N PRO A 28 7.69 -6.19 -5.06
CA PRO A 28 7.80 -7.65 -5.22
C PRO A 28 6.54 -8.26 -5.82
N SER A 29 5.39 -7.93 -5.23
CA SER A 29 4.12 -8.46 -5.70
C SER A 29 3.65 -7.71 -6.96
N GLY A 30 4.45 -6.73 -7.38
CA GLY A 30 4.10 -5.96 -8.56
C GLY A 30 2.61 -5.77 -8.71
N SER A 31 1.92 -5.60 -7.59
CA SER A 31 0.48 -5.40 -7.59
C SER A 31 0.11 -4.00 -7.13
N THR A 32 -1.01 -3.48 -7.63
CA THR A 32 -1.46 -2.15 -7.27
C THR A 32 -2.95 -2.16 -6.93
N GLN A 33 -3.26 -1.92 -5.66
CA GLN A 33 -4.64 -1.90 -5.19
C GLN A 33 -5.03 -0.52 -4.68
N TRP A 34 -6.32 -0.27 -4.55
CA TRP A 34 -6.82 1.01 -4.07
C TRP A 34 -6.79 1.06 -2.55
N GLN A 35 -7.10 -0.06 -1.92
CA GLN A 35 -7.12 -0.14 -0.46
C GLN A 35 -5.72 -0.46 0.08
N ARG A 36 -5.64 -0.64 1.39
CA ARG A 36 -4.36 -0.94 2.03
C ARG A 36 -4.04 -2.44 1.92
N PRO A 37 -2.92 -2.74 1.24
CA PRO A 37 -2.46 -4.12 1.04
C PRO A 37 -1.99 -4.77 2.34
N THR A 38 -1.99 -6.10 2.37
CA THR A 38 -1.55 -6.84 3.55
C THR A 38 -0.43 -7.81 3.20
N TRP A 39 0.03 -8.55 4.20
CA TRP A 39 1.10 -9.53 4.00
C TRP A 39 0.63 -10.69 3.14
N GLY A 1 1.66 10.19 10.40
CA GLY A 1 2.77 10.04 11.32
C GLY A 1 3.65 8.85 10.97
N SER A 2 3.49 7.75 11.69
CA SER A 2 4.28 6.56 11.45
C SER A 2 3.39 5.32 11.41
N SER A 3 3.57 4.50 10.37
CA SER A 3 2.78 3.29 10.21
C SER A 3 3.18 2.24 11.25
N GLY A 4 2.30 1.27 11.47
CA GLY A 4 2.57 0.23 12.44
C GLY A 4 1.31 -0.33 13.07
N SER A 5 0.33 -0.67 12.23
CA SER A 5 -0.93 -1.21 12.72
C SER A 5 -1.02 -2.71 12.44
N SER A 6 -1.08 -3.50 13.52
CA SER A 6 -1.17 -4.94 13.40
C SER A 6 -0.25 -5.45 12.29
N GLY A 7 0.98 -4.93 12.27
CA GLY A 7 1.93 -5.35 11.26
C GLY A 7 2.17 -4.29 10.21
N GLY A 8 1.10 -3.93 9.49
CA GLY A 8 1.22 -2.92 8.45
C GLY A 8 1.51 -3.51 7.09
N LEU A 9 2.26 -2.79 6.29
CA LEU A 9 2.61 -3.25 4.94
C LEU A 9 4.02 -3.84 4.92
N PRO A 10 4.20 -4.92 4.15
CA PRO A 10 5.49 -5.60 4.02
C PRO A 10 6.51 -4.76 3.26
N PRO A 11 7.78 -5.20 3.31
CA PRO A 11 8.88 -4.50 2.62
C PRO A 11 8.79 -4.63 1.11
N GLY A 12 8.40 -3.56 0.45
CA GLY A 12 8.27 -3.58 -1.00
C GLY A 12 7.18 -2.66 -1.51
N TRP A 13 6.24 -2.33 -0.63
CA TRP A 13 5.13 -1.45 -0.99
C TRP A 13 5.58 0.00 -1.08
N ARG A 14 4.77 0.83 -1.74
CA ARG A 14 5.10 2.24 -1.88
C ARG A 14 3.82 3.08 -2.04
N LYS A 15 3.68 4.08 -1.17
CA LYS A 15 2.51 4.95 -1.21
C LYS A 15 2.72 6.12 -2.18
N ILE A 16 1.96 6.13 -3.27
CA ILE A 16 2.07 7.18 -4.26
C ILE A 16 0.92 8.19 -4.11
N HIS A 17 1.17 9.42 -4.56
CA HIS A 17 0.16 10.47 -4.48
C HIS A 17 0.00 11.17 -5.83
N ASP A 18 -1.11 10.90 -6.49
CA ASP A 18 -1.40 11.50 -7.79
C ASP A 18 -2.68 12.33 -7.75
N ALA A 19 -2.99 12.99 -8.86
CA ALA A 19 -4.18 13.82 -8.95
C ALA A 19 -5.43 13.01 -8.61
N ALA A 20 -5.44 11.75 -9.01
CA ALA A 20 -6.57 10.88 -8.74
C ALA A 20 -6.74 10.62 -7.25
N GLY A 21 -5.62 10.35 -6.58
CA GLY A 21 -5.65 10.08 -5.15
C GLY A 21 -4.40 9.41 -4.65
N THR A 22 -4.56 8.39 -3.81
CA THR A 22 -3.43 7.66 -3.26
C THR A 22 -3.66 6.15 -3.35
N TYR A 23 -2.62 5.43 -3.81
CA TYR A 23 -2.71 3.99 -3.94
C TYR A 23 -1.47 3.31 -3.38
N TYR A 24 -1.49 1.98 -3.34
CA TYR A 24 -0.36 1.21 -2.83
C TYR A 24 0.22 0.29 -3.90
N TRP A 25 1.48 0.49 -4.23
CA TRP A 25 2.14 -0.34 -5.24
C TRP A 25 3.19 -1.25 -4.60
N HIS A 26 3.10 -2.54 -4.90
CA HIS A 26 4.05 -3.51 -4.36
C HIS A 26 5.16 -3.80 -5.36
N VAL A 27 6.40 -3.63 -4.93
CA VAL A 27 7.55 -3.87 -5.79
C VAL A 27 7.68 -5.35 -6.13
N PRO A 28 7.71 -6.20 -5.09
CA PRO A 28 7.83 -7.65 -5.24
C PRO A 28 6.56 -8.27 -5.83
N SER A 29 5.42 -7.95 -5.23
CA SER A 29 4.14 -8.49 -5.70
C SER A 29 3.67 -7.75 -6.95
N GLY A 30 4.46 -6.78 -7.39
CA GLY A 30 4.11 -6.00 -8.57
C GLY A 30 2.61 -5.81 -8.70
N SER A 31 1.94 -5.55 -7.59
CA SER A 31 0.50 -5.36 -7.58
C SER A 31 0.14 -3.95 -7.11
N THR A 32 -0.99 -3.43 -7.60
CA THR A 32 -1.45 -2.10 -7.22
C THR A 32 -2.93 -2.11 -6.86
N GLN A 33 -3.22 -1.85 -5.59
CA GLN A 33 -4.60 -1.83 -5.12
C GLN A 33 -4.94 -0.48 -4.49
N TRP A 34 -6.23 -0.23 -4.30
CA TRP A 34 -6.69 1.02 -3.71
C TRP A 34 -6.76 0.92 -2.19
N GLN A 35 -6.98 -0.29 -1.69
CA GLN A 35 -7.07 -0.52 -0.26
C GLN A 35 -5.75 -1.02 0.30
N ARG A 36 -5.40 -0.56 1.50
CA ARG A 36 -4.16 -0.96 2.14
C ARG A 36 -3.94 -2.47 2.01
N PRO A 37 -2.87 -2.85 1.30
CA PRO A 37 -2.53 -4.25 1.08
C PRO A 37 -2.03 -4.93 2.35
N THR A 38 -2.18 -6.25 2.42
CA THR A 38 -1.74 -7.01 3.58
C THR A 38 -0.76 -8.11 3.19
N TRP A 39 0.16 -8.42 4.09
CA TRP A 39 1.16 -9.45 3.83
C TRP A 39 0.58 -10.58 2.98
N GLY A 1 -7.04 -9.41 14.24
CA GLY A 1 -6.72 -8.02 14.53
C GLY A 1 -6.67 -7.18 13.27
N SER A 2 -6.37 -5.89 13.44
CA SER A 2 -6.29 -4.97 12.31
C SER A 2 -5.03 -4.12 12.38
N SER A 3 -4.80 -3.31 11.35
CA SER A 3 -3.62 -2.46 11.29
C SER A 3 -3.88 -1.13 11.99
N GLY A 4 -2.86 -0.62 12.69
CA GLY A 4 -3.00 0.63 13.40
C GLY A 4 -2.00 1.67 12.92
N SER A 5 -0.93 1.85 13.68
CA SER A 5 0.10 2.83 13.35
C SER A 5 1.41 2.13 12.99
N SER A 6 1.79 1.16 13.80
CA SER A 6 3.02 0.41 13.57
C SER A 6 2.81 -0.71 12.56
N GLY A 7 3.79 -0.91 11.69
CA GLY A 7 3.68 -1.96 10.68
C GLY A 7 2.45 -1.81 9.81
N GLY A 8 2.01 -2.90 9.21
CA GLY A 8 0.86 -2.86 8.35
C GLY A 8 1.13 -3.44 6.98
N LEU A 9 2.12 -2.90 6.29
CA LEU A 9 2.48 -3.37 4.95
C LEU A 9 3.89 -3.95 4.95
N PRO A 10 4.07 -5.04 4.17
CA PRO A 10 5.37 -5.71 4.05
C PRO A 10 6.39 -4.87 3.30
N PRO A 11 7.66 -5.30 3.35
CA PRO A 11 8.76 -4.60 2.68
C PRO A 11 8.68 -4.72 1.15
N GLY A 12 8.31 -3.63 0.50
CA GLY A 12 8.20 -3.64 -0.96
C GLY A 12 7.11 -2.72 -1.46
N TRP A 13 6.15 -2.42 -0.59
CA TRP A 13 5.03 -1.55 -0.95
C TRP A 13 5.48 -0.10 -1.03
N ARG A 14 4.68 0.74 -1.68
CA ARG A 14 4.99 2.16 -1.82
C ARG A 14 3.72 2.98 -1.98
N LYS A 15 3.55 3.98 -1.12
CA LYS A 15 2.37 4.84 -1.17
C LYS A 15 2.61 6.02 -2.11
N ILE A 16 1.87 6.05 -3.22
CA ILE A 16 2.00 7.13 -4.19
C ILE A 16 0.86 8.14 -4.05
N HIS A 17 1.14 9.37 -4.43
CA HIS A 17 0.13 10.44 -4.34
C HIS A 17 0.01 11.16 -5.68
N ASP A 18 -1.10 10.93 -6.38
CA ASP A 18 -1.35 11.56 -7.67
C ASP A 18 -2.62 12.40 -7.63
N ALA A 19 -2.83 13.21 -8.67
CA ALA A 19 -4.01 14.06 -8.75
C ALA A 19 -5.29 13.24 -8.57
N ALA A 20 -5.29 12.03 -9.11
CA ALA A 20 -6.45 11.15 -9.02
C ALA A 20 -6.73 10.77 -7.56
N GLY A 21 -5.67 10.41 -6.83
CA GLY A 21 -5.82 10.03 -5.44
C GLY A 21 -4.58 9.37 -4.88
N THR A 22 -4.78 8.35 -4.04
CA THR A 22 -3.66 7.65 -3.43
C THR A 22 -3.86 6.14 -3.52
N TYR A 23 -2.83 5.44 -3.98
CA TYR A 23 -2.89 3.99 -4.12
C TYR A 23 -1.63 3.34 -3.57
N TYR A 24 -1.62 2.01 -3.54
CA TYR A 24 -0.48 1.26 -3.03
C TYR A 24 0.10 0.35 -4.11
N TRP A 25 1.41 0.47 -4.32
CA TRP A 25 2.09 -0.34 -5.32
C TRP A 25 3.13 -1.24 -4.68
N HIS A 26 2.99 -2.55 -4.91
CA HIS A 26 3.93 -3.52 -4.35
C HIS A 26 5.07 -3.81 -5.32
N VAL A 27 6.30 -3.63 -4.84
CA VAL A 27 7.48 -3.86 -5.67
C VAL A 27 7.62 -5.33 -6.02
N PRO A 28 7.62 -6.20 -4.99
CA PRO A 28 7.75 -7.64 -5.18
C PRO A 28 6.50 -8.26 -5.81
N SER A 29 5.33 -7.95 -5.24
CA SER A 29 4.08 -8.48 -5.75
C SER A 29 3.64 -7.72 -6.99
N GLY A 30 4.45 -6.73 -7.40
CA GLY A 30 4.12 -5.95 -8.58
C GLY A 30 2.63 -5.75 -8.75
N SER A 31 1.92 -5.59 -7.64
CA SER A 31 0.47 -5.39 -7.67
C SER A 31 0.10 -4.01 -7.13
N THR A 32 -0.96 -3.44 -7.69
CA THR A 32 -1.44 -2.13 -7.26
C THR A 32 -2.89 -2.18 -6.82
N GLN A 33 -3.12 -1.96 -5.53
CA GLN A 33 -4.47 -1.98 -4.98
C GLN A 33 -4.90 -0.58 -4.55
N TRP A 34 -6.18 -0.43 -4.23
CA TRP A 34 -6.72 0.85 -3.81
C TRP A 34 -6.80 0.94 -2.29
N GLN A 35 -6.73 -0.21 -1.64
CA GLN A 35 -6.79 -0.27 -0.18
C GLN A 35 -5.50 -0.83 0.40
N ARG A 36 -5.14 -0.36 1.60
CA ARG A 36 -3.92 -0.81 2.26
C ARG A 36 -3.78 -2.32 2.19
N PRO A 37 -2.80 -2.79 1.42
CA PRO A 37 -2.54 -4.23 1.25
C PRO A 37 -1.99 -4.87 2.52
N THR A 38 -1.69 -6.16 2.44
CA THR A 38 -1.16 -6.90 3.58
C THR A 38 -0.07 -7.86 3.15
N TRP A 39 0.51 -8.57 4.12
CA TRP A 39 1.56 -9.53 3.84
C TRP A 39 1.10 -10.59 2.84
N GLY A 1 -0.82 13.76 9.38
CA GLY A 1 0.34 13.01 9.84
C GLY A 1 0.24 11.53 9.52
N SER A 2 1.39 10.90 9.26
CA SER A 2 1.43 9.49 8.94
C SER A 2 1.47 8.64 10.21
N SER A 3 0.67 9.03 11.20
CA SER A 3 0.61 8.31 12.47
C SER A 3 -0.43 7.18 12.42
N GLY A 4 -0.24 6.19 13.26
CA GLY A 4 -1.16 5.06 13.30
C GLY A 4 -0.52 3.80 13.85
N SER A 5 -0.91 2.66 13.30
CA SER A 5 -0.37 1.37 13.75
C SER A 5 1.15 1.34 13.62
N SER A 6 1.78 0.45 14.37
CA SER A 6 3.23 0.32 14.34
C SER A 6 3.66 -0.84 13.43
N GLY A 7 3.77 -0.57 12.13
CA GLY A 7 4.17 -1.59 11.20
C GLY A 7 2.97 -2.29 10.56
N GLY A 8 3.01 -2.42 9.24
CA GLY A 8 1.91 -3.06 8.54
C GLY A 8 2.35 -3.65 7.20
N LEU A 9 2.20 -2.87 6.13
CA LEU A 9 2.57 -3.31 4.80
C LEU A 9 3.98 -3.91 4.80
N PRO A 10 4.15 -5.00 4.03
CA PRO A 10 5.44 -5.69 3.93
C PRO A 10 6.49 -4.87 3.17
N PRO A 11 7.74 -5.33 3.22
CA PRO A 11 8.85 -4.64 2.54
C PRO A 11 8.77 -4.75 1.03
N GLY A 12 8.44 -3.64 0.37
CA GLY A 12 8.32 -3.63 -1.07
C GLY A 12 7.23 -2.71 -1.56
N TRP A 13 6.30 -2.36 -0.67
CA TRP A 13 5.19 -1.47 -1.02
C TRP A 13 5.66 -0.03 -1.08
N ARG A 14 4.81 0.84 -1.61
CA ARG A 14 5.13 2.25 -1.73
C ARG A 14 3.86 3.09 -1.87
N LYS A 15 3.71 4.10 -1.01
CA LYS A 15 2.55 4.97 -1.04
C LYS A 15 2.77 6.14 -2.00
N ILE A 16 2.02 6.17 -3.09
CA ILE A 16 2.13 7.22 -4.07
C ILE A 16 1.00 8.25 -3.93
N HIS A 17 1.25 9.47 -4.37
CA HIS A 17 0.25 10.53 -4.30
C HIS A 17 0.13 11.26 -5.63
N ASP A 18 -0.99 11.02 -6.32
CA ASP A 18 -1.22 11.66 -7.61
C ASP A 18 -2.50 12.50 -7.58
N ALA A 19 -2.80 13.16 -8.69
CA ALA A 19 -3.98 13.99 -8.78
C ALA A 19 -5.25 13.17 -8.63
N ALA A 20 -5.22 11.94 -9.15
CA ALA A 20 -6.37 11.05 -9.07
C ALA A 20 -6.67 10.66 -7.63
N GLY A 21 -5.62 10.32 -6.87
CA GLY A 21 -5.80 9.95 -5.49
C GLY A 21 -4.56 9.30 -4.91
N THR A 22 -4.76 8.28 -4.07
CA THR A 22 -3.65 7.57 -3.44
C THR A 22 -3.83 6.06 -3.53
N TYR A 23 -2.78 5.37 -3.95
CA TYR A 23 -2.84 3.91 -4.09
C TYR A 23 -1.56 3.28 -3.56
N TYR A 24 -1.60 1.97 -3.35
CA TYR A 24 -0.44 1.23 -2.85
C TYR A 24 0.14 0.33 -3.92
N TRP A 25 1.41 0.57 -4.26
CA TRP A 25 2.09 -0.22 -5.27
C TRP A 25 3.13 -1.15 -4.65
N HIS A 26 3.04 -2.44 -4.96
CA HIS A 26 3.97 -3.42 -4.42
C HIS A 26 5.10 -3.69 -5.41
N VAL A 27 6.34 -3.57 -4.92
CA VAL A 27 7.51 -3.81 -5.76
C VAL A 27 7.63 -5.27 -6.15
N PRO A 28 7.61 -6.16 -5.15
CA PRO A 28 7.72 -7.60 -5.36
C PRO A 28 6.46 -8.18 -6.02
N SER A 29 5.31 -7.88 -5.44
CA SER A 29 4.04 -8.37 -5.97
C SER A 29 3.62 -7.57 -7.20
N GLY A 30 4.42 -6.57 -7.56
CA GLY A 30 4.11 -5.75 -8.71
C GLY A 30 2.62 -5.54 -8.90
N SER A 31 1.89 -5.48 -7.78
CA SER A 31 0.45 -5.28 -7.83
C SER A 31 0.08 -3.90 -7.30
N THR A 32 -1.08 -3.40 -7.74
CA THR A 32 -1.55 -2.08 -7.31
C THR A 32 -3.03 -2.14 -6.93
N GLN A 33 -3.30 -2.01 -5.64
CA GLN A 33 -4.67 -2.04 -5.15
C GLN A 33 -5.08 -0.67 -4.59
N TRP A 34 -6.39 -0.46 -4.46
CA TRP A 34 -6.91 0.80 -3.94
C TRP A 34 -6.85 0.82 -2.41
N GLN A 35 -7.09 -0.33 -1.80
CA GLN A 35 -7.06 -0.44 -0.35
C GLN A 35 -5.65 -0.70 0.16
N ARG A 36 -5.53 -0.92 1.47
CA ARG A 36 -4.23 -1.19 2.07
C ARG A 36 -3.92 -2.69 2.06
N PRO A 37 -2.82 -3.07 1.39
CA PRO A 37 -2.40 -4.46 1.29
C PRO A 37 -1.90 -5.02 2.62
N THR A 38 -1.93 -6.34 2.75
CA THR A 38 -1.48 -7.00 3.98
C THR A 38 -0.56 -8.16 3.67
N TRP A 39 0.40 -8.40 4.55
CA TRP A 39 1.34 -9.51 4.37
C TRP A 39 1.04 -10.65 5.33
N GLY A 1 -5.66 -12.09 18.31
CA GLY A 1 -5.02 -11.01 17.60
C GLY A 1 -5.51 -10.89 16.17
N SER A 2 -6.80 -10.61 16.02
CA SER A 2 -7.40 -10.47 14.69
C SER A 2 -6.72 -9.35 13.90
N SER A 3 -6.44 -9.63 12.63
CA SER A 3 -5.80 -8.64 11.77
C SER A 3 -6.83 -7.86 10.96
N GLY A 4 -7.26 -6.72 11.50
CA GLY A 4 -8.24 -5.91 10.82
C GLY A 4 -7.67 -5.21 9.60
N SER A 5 -8.51 -4.45 8.91
CA SER A 5 -8.09 -3.74 7.70
C SER A 5 -6.69 -3.15 7.89
N SER A 6 -6.56 -2.26 8.87
CA SER A 6 -5.27 -1.62 9.15
C SER A 6 -4.18 -2.67 9.37
N GLY A 7 -3.06 -2.50 8.68
CA GLY A 7 -1.95 -3.43 8.81
C GLY A 7 -0.63 -2.83 8.40
N GLY A 8 0.47 -3.44 8.84
CA GLY A 8 1.78 -2.95 8.50
C GLY A 8 2.28 -3.48 7.17
N LEU A 9 1.97 -2.77 6.10
CA LEU A 9 2.39 -3.19 4.75
C LEU A 9 3.80 -3.80 4.80
N PRO A 10 3.99 -4.89 4.04
CA PRO A 10 5.27 -5.58 3.97
C PRO A 10 6.33 -4.76 3.23
N PRO A 11 7.60 -5.21 3.34
CA PRO A 11 8.73 -4.52 2.70
C PRO A 11 8.70 -4.67 1.18
N GLY A 12 8.34 -3.59 0.49
CA GLY A 12 8.28 -3.61 -0.96
C GLY A 12 7.20 -2.71 -1.51
N TRP A 13 6.26 -2.32 -0.65
CA TRP A 13 5.17 -1.45 -1.06
C TRP A 13 5.63 0.00 -1.16
N ARG A 14 4.81 0.84 -1.79
CA ARG A 14 5.14 2.25 -1.95
C ARG A 14 3.87 3.10 -2.08
N LYS A 15 3.73 4.08 -1.20
CA LYS A 15 2.57 4.96 -1.20
C LYS A 15 2.79 6.15 -2.13
N ILE A 16 2.03 6.19 -3.22
CA ILE A 16 2.13 7.28 -4.19
C ILE A 16 1.01 8.29 -4.02
N HIS A 17 1.27 9.53 -4.41
CA HIS A 17 0.28 10.59 -4.31
C HIS A 17 0.10 11.32 -5.64
N ASP A 18 -1.03 11.08 -6.29
CA ASP A 18 -1.30 11.72 -7.57
C ASP A 18 -2.57 12.56 -7.50
N ALA A 19 -2.93 13.20 -8.61
CA ALA A 19 -4.12 14.03 -8.67
C ALA A 19 -5.38 13.20 -8.47
N ALA A 20 -5.34 11.96 -8.95
CA ALA A 20 -6.48 11.06 -8.82
C ALA A 20 -6.71 10.65 -7.37
N GLY A 21 -5.62 10.36 -6.67
CA GLY A 21 -5.72 9.96 -5.27
C GLY A 21 -4.45 9.30 -4.77
N THR A 22 -4.61 8.37 -3.85
CA THR A 22 -3.47 7.66 -3.28
C THR A 22 -3.67 6.15 -3.32
N TYR A 23 -2.73 5.44 -3.94
CA TYR A 23 -2.82 3.99 -4.05
C TYR A 23 -1.56 3.33 -3.50
N TYR A 24 -1.58 1.99 -3.44
CA TYR A 24 -0.44 1.25 -2.93
C TYR A 24 0.13 0.33 -4.00
N TRP A 25 1.41 0.52 -4.33
CA TRP A 25 2.07 -0.29 -5.34
C TRP A 25 3.13 -1.19 -4.72
N HIS A 26 3.04 -2.48 -4.99
CA HIS A 26 3.99 -3.45 -4.45
C HIS A 26 5.10 -3.73 -5.45
N VAL A 27 6.35 -3.57 -5.01
CA VAL A 27 7.50 -3.81 -5.86
C VAL A 27 7.64 -5.29 -6.21
N PRO A 28 7.68 -6.14 -5.18
CA PRO A 28 7.80 -7.59 -5.34
C PRO A 28 6.54 -8.21 -5.93
N SER A 29 5.39 -7.91 -5.33
CA SER A 29 4.12 -8.44 -5.80
C SER A 29 3.65 -7.71 -7.04
N GLY A 30 4.43 -6.71 -7.47
CA GLY A 30 4.07 -5.94 -8.65
C GLY A 30 2.57 -5.79 -8.81
N SER A 31 1.86 -5.69 -7.68
CA SER A 31 0.41 -5.55 -7.71
C SER A 31 0.00 -4.20 -7.13
N THR A 32 -0.98 -3.56 -7.77
CA THR A 32 -1.47 -2.27 -7.33
C THR A 32 -2.94 -2.33 -6.95
N GLN A 33 -3.24 -2.04 -5.69
CA GLN A 33 -4.62 -2.08 -5.20
C GLN A 33 -5.07 -0.68 -4.76
N TRP A 34 -6.36 -0.55 -4.48
CA TRP A 34 -6.91 0.74 -4.04
C TRP A 34 -6.88 0.85 -2.53
N GLN A 35 -6.90 -0.29 -1.85
CA GLN A 35 -6.87 -0.32 -0.39
C GLN A 35 -5.48 -0.68 0.12
N ARG A 36 -5.34 -0.77 1.44
CA ARG A 36 -4.07 -1.11 2.05
C ARG A 36 -3.82 -2.61 2.01
N PRO A 37 -2.75 -3.02 1.32
CA PRO A 37 -2.38 -4.43 1.19
C PRO A 37 -1.88 -5.03 2.49
N THR A 38 -1.97 -6.36 2.61
CA THR A 38 -1.51 -7.04 3.81
C THR A 38 -0.50 -8.12 3.48
N TRP A 39 0.30 -8.50 4.46
CA TRP A 39 1.32 -9.53 4.28
C TRP A 39 1.10 -10.69 5.23
N GLY A 1 -10.26 -9.88 8.77
CA GLY A 1 -10.06 -8.46 8.89
C GLY A 1 -10.89 -7.66 7.90
N SER A 2 -12.13 -7.35 8.28
CA SER A 2 -13.02 -6.60 7.41
C SER A 2 -12.70 -5.10 7.48
N SER A 3 -12.80 -4.54 8.68
CA SER A 3 -12.54 -3.12 8.88
C SER A 3 -11.04 -2.83 8.81
N GLY A 4 -10.68 -1.84 8.00
CA GLY A 4 -9.28 -1.48 7.86
C GLY A 4 -8.83 -0.46 8.88
N SER A 5 -8.63 -0.91 10.12
CA SER A 5 -8.21 -0.02 11.20
C SER A 5 -6.73 -0.22 11.53
N SER A 6 -5.92 -0.36 10.48
CA SER A 6 -4.49 -0.56 10.65
C SER A 6 -3.73 -0.25 9.36
N GLY A 7 -2.42 -0.11 9.46
CA GLY A 7 -1.60 0.18 8.30
C GLY A 7 -0.31 -0.60 8.28
N GLY A 8 -0.42 -1.92 8.27
CA GLY A 8 0.76 -2.76 8.25
C GLY A 8 1.06 -3.31 6.86
N LEU A 9 2.06 -2.74 6.21
CA LEU A 9 2.46 -3.18 4.87
C LEU A 9 3.85 -3.80 4.88
N PRO A 10 4.02 -4.87 4.10
CA PRO A 10 5.31 -5.58 4.00
C PRO A 10 6.36 -4.75 3.27
N PRO A 11 7.63 -5.17 3.37
CA PRO A 11 8.75 -4.50 2.73
C PRO A 11 8.73 -4.65 1.21
N GLY A 12 8.33 -3.59 0.53
CA GLY A 12 8.26 -3.62 -0.93
C GLY A 12 7.19 -2.71 -1.48
N TRP A 13 6.25 -2.31 -0.63
CA TRP A 13 5.16 -1.43 -1.04
C TRP A 13 5.64 0.01 -1.16
N ARG A 14 4.84 0.84 -1.83
CA ARG A 14 5.18 2.24 -2.02
C ARG A 14 3.93 3.10 -2.10
N LYS A 15 3.86 4.12 -1.25
CA LYS A 15 2.71 5.02 -1.23
C LYS A 15 2.90 6.17 -2.21
N ILE A 16 2.08 6.19 -3.25
CA ILE A 16 2.16 7.25 -4.26
C ILE A 16 1.02 8.25 -4.09
N HIS A 17 1.26 9.47 -4.58
CA HIS A 17 0.25 10.52 -4.48
C HIS A 17 0.00 11.16 -5.84
N ASP A 18 -1.16 10.87 -6.42
CA ASP A 18 -1.53 11.40 -7.73
C ASP A 18 -2.80 12.23 -7.64
N ALA A 19 -3.13 12.92 -8.72
CA ALA A 19 -4.33 13.75 -8.77
C ALA A 19 -5.58 12.93 -8.50
N ALA A 20 -5.54 11.65 -8.88
CA ALA A 20 -6.67 10.76 -8.69
C ALA A 20 -6.87 10.45 -7.20
N GLY A 21 -5.78 10.21 -6.49
CA GLY A 21 -5.87 9.91 -5.08
C GLY A 21 -4.59 9.30 -4.53
N THR A 22 -4.74 8.30 -3.68
CA THR A 22 -3.60 7.62 -3.08
C THR A 22 -3.74 6.11 -3.15
N TYR A 23 -2.77 5.46 -3.78
CA TYR A 23 -2.79 4.00 -3.92
C TYR A 23 -1.48 3.38 -3.44
N TYR A 24 -1.46 2.06 -3.37
CA TYR A 24 -0.27 1.34 -2.92
C TYR A 24 0.27 0.44 -4.02
N TRP A 25 1.59 0.48 -4.22
CA TRP A 25 2.24 -0.33 -5.25
C TRP A 25 3.27 -1.25 -4.63
N HIS A 26 3.12 -2.56 -4.86
CA HIS A 26 4.06 -3.54 -4.33
C HIS A 26 5.16 -3.86 -5.34
N VAL A 27 6.40 -3.70 -4.92
CA VAL A 27 7.55 -3.96 -5.78
C VAL A 27 7.64 -5.44 -6.12
N PRO A 28 7.67 -6.29 -5.09
CA PRO A 28 7.76 -7.74 -5.25
C PRO A 28 6.48 -8.34 -5.84
N SER A 29 5.35 -8.01 -5.24
CA SER A 29 4.07 -8.52 -5.70
C SER A 29 3.60 -7.76 -6.94
N GLY A 30 4.39 -6.78 -7.37
CA GLY A 30 4.05 -6.01 -8.54
C GLY A 30 2.55 -5.78 -8.67
N SER A 31 1.87 -5.70 -7.53
CA SER A 31 0.42 -5.50 -7.53
C SER A 31 0.08 -4.09 -7.02
N THR A 32 -0.89 -3.46 -7.68
CA THR A 32 -1.30 -2.12 -7.29
C THR A 32 -2.79 -2.08 -6.93
N GLN A 33 -3.08 -1.85 -5.66
CA GLN A 33 -4.46 -1.79 -5.19
C GLN A 33 -4.80 -0.41 -4.64
N TRP A 34 -6.09 -0.14 -4.49
CA TRP A 34 -6.54 1.15 -3.97
C TRP A 34 -6.46 1.17 -2.44
N GLN A 35 -6.84 0.06 -1.81
CA GLN A 35 -6.82 -0.04 -0.36
C GLN A 35 -5.44 -0.49 0.13
N ARG A 36 -5.29 -0.58 1.45
CA ARG A 36 -4.03 -0.99 2.05
C ARG A 36 -3.85 -2.50 1.97
N PRO A 37 -2.82 -2.94 1.23
CA PRO A 37 -2.51 -4.37 1.06
C PRO A 37 -2.01 -5.02 2.34
N THR A 38 -2.18 -6.33 2.44
CA THR A 38 -1.75 -7.07 3.62
C THR A 38 -0.73 -8.15 3.24
N TRP A 39 0.21 -8.41 4.14
CA TRP A 39 1.22 -9.43 3.90
C TRP A 39 0.66 -10.59 3.10
N GLY A 1 0.44 7.70 11.88
CA GLY A 1 1.44 7.24 12.81
C GLY A 1 1.03 7.46 14.25
N SER A 2 -0.11 6.88 14.63
CA SER A 2 -0.62 7.03 16.00
C SER A 2 0.34 6.40 17.00
N SER A 3 0.76 5.17 16.74
CA SER A 3 1.66 4.46 17.63
C SER A 3 3.09 4.47 17.06
N GLY A 4 4.07 4.46 17.96
CA GLY A 4 5.46 4.47 17.53
C GLY A 4 5.90 3.14 16.97
N SER A 5 6.85 3.17 16.05
CA SER A 5 7.36 1.95 15.43
C SER A 5 6.21 1.07 14.95
N SER A 6 5.20 1.68 14.35
CA SER A 6 4.04 0.95 13.86
C SER A 6 4.38 0.20 12.58
N GLY A 7 3.81 -1.00 12.43
CA GLY A 7 4.06 -1.81 11.26
C GLY A 7 2.79 -2.27 10.58
N GLY A 8 2.90 -2.67 9.31
CA GLY A 8 1.74 -3.13 8.57
C GLY A 8 2.12 -3.74 7.24
N LEU A 9 2.21 -2.91 6.21
CA LEU A 9 2.56 -3.37 4.87
C LEU A 9 3.96 -3.96 4.85
N PRO A 10 4.14 -5.03 4.06
CA PRO A 10 5.43 -5.71 3.94
C PRO A 10 6.46 -4.87 3.19
N PRO A 11 7.73 -5.30 3.23
CA PRO A 11 8.83 -4.60 2.56
C PRO A 11 8.74 -4.72 1.04
N GLY A 12 8.37 -3.62 0.39
CA GLY A 12 8.26 -3.62 -1.06
C GLY A 12 7.16 -2.70 -1.56
N TRP A 13 6.22 -2.38 -0.68
CA TRP A 13 5.11 -1.51 -1.04
C TRP A 13 5.56 -0.06 -1.10
N ARG A 14 4.72 0.79 -1.70
CA ARG A 14 5.04 2.21 -1.83
C ARG A 14 3.77 3.04 -1.98
N LYS A 15 3.61 4.04 -1.12
CA LYS A 15 2.44 4.90 -1.16
C LYS A 15 2.67 6.08 -2.10
N ILE A 16 1.93 6.10 -3.21
CA ILE A 16 2.04 7.18 -4.18
C ILE A 16 0.91 8.19 -4.03
N HIS A 17 1.19 9.44 -4.40
CA HIS A 17 0.19 10.50 -4.30
C HIS A 17 0.03 11.21 -5.65
N ASP A 18 -1.09 10.96 -6.31
CA ASP A 18 -1.38 11.58 -7.60
C ASP A 18 -2.64 12.43 -7.54
N ALA A 19 -2.83 13.28 -8.54
CA ALA A 19 -4.00 14.14 -8.60
C ALA A 19 -5.28 13.33 -8.47
N ALA A 20 -5.22 12.07 -8.88
CA ALA A 20 -6.38 11.19 -8.81
C ALA A 20 -6.67 10.78 -7.37
N GLY A 21 -5.62 10.42 -6.64
CA GLY A 21 -5.79 10.02 -5.26
C GLY A 21 -4.56 9.35 -4.69
N THR A 22 -4.75 8.34 -3.86
CA THR A 22 -3.64 7.62 -3.25
C THR A 22 -3.81 6.11 -3.38
N TYR A 23 -2.81 5.45 -3.95
CA TYR A 23 -2.85 4.00 -4.14
C TYR A 23 -1.59 3.34 -3.62
N TYR A 24 -1.63 2.03 -3.46
CA TYR A 24 -0.49 1.27 -2.96
C TYR A 24 0.09 0.37 -4.05
N TRP A 25 1.41 0.47 -4.26
CA TRP A 25 2.07 -0.33 -5.27
C TRP A 25 3.12 -1.24 -4.64
N HIS A 26 3.03 -2.53 -4.94
CA HIS A 26 3.97 -3.52 -4.39
C HIS A 26 5.10 -3.79 -5.38
N VAL A 27 6.34 -3.62 -4.91
CA VAL A 27 7.51 -3.84 -5.75
C VAL A 27 7.64 -5.32 -6.11
N PRO A 28 7.66 -6.18 -5.10
CA PRO A 28 7.79 -7.63 -5.28
C PRO A 28 6.54 -8.24 -5.91
N SER A 29 5.38 -7.95 -5.33
CA SER A 29 4.11 -8.47 -5.84
C SER A 29 3.67 -7.71 -7.09
N GLY A 30 4.46 -6.71 -7.47
CA GLY A 30 4.13 -5.92 -8.65
C GLY A 30 2.63 -5.75 -8.83
N SER A 31 1.91 -5.68 -7.72
CA SER A 31 0.46 -5.53 -7.77
C SER A 31 0.03 -4.18 -7.18
N THR A 32 -0.92 -3.53 -7.83
CA THR A 32 -1.41 -2.24 -7.37
C THR A 32 -2.90 -2.31 -7.01
N GLN A 33 -3.21 -1.99 -5.76
CA GLN A 33 -4.59 -2.02 -5.29
C GLN A 33 -5.05 -0.63 -4.88
N TRP A 34 -6.35 -0.51 -4.61
CA TRP A 34 -6.91 0.78 -4.20
C TRP A 34 -6.92 0.91 -2.68
N GLN A 35 -6.94 -0.23 -2.00
CA GLN A 35 -6.95 -0.24 -0.54
C GLN A 35 -5.57 -0.55 0.02
N ARG A 36 -5.48 -0.68 1.34
CA ARG A 36 -4.20 -0.98 1.98
C ARG A 36 -3.95 -2.48 2.02
N PRO A 37 -2.89 -2.92 1.33
CA PRO A 37 -2.51 -4.33 1.27
C PRO A 37 -1.97 -4.84 2.60
N THR A 38 -1.68 -6.14 2.66
CA THR A 38 -1.17 -6.75 3.87
C THR A 38 -0.23 -7.91 3.55
N TRP A 39 0.45 -8.42 4.57
CA TRP A 39 1.39 -9.53 4.39
C TRP A 39 1.07 -10.66 5.37
N GLY A 1 -17.02 0.95 6.94
CA GLY A 1 -16.81 -0.20 7.79
C GLY A 1 -15.70 -1.10 7.27
N SER A 2 -14.58 -1.14 8.00
CA SER A 2 -13.44 -1.96 7.61
C SER A 2 -12.65 -2.41 8.83
N SER A 3 -12.63 -3.72 9.06
CA SER A 3 -11.92 -4.28 10.20
C SER A 3 -10.48 -3.78 10.24
N GLY A 4 -10.02 -3.43 11.44
CA GLY A 4 -8.66 -2.94 11.59
C GLY A 4 -7.62 -3.99 11.26
N SER A 5 -6.36 -3.56 11.14
CA SER A 5 -5.27 -4.47 10.81
C SER A 5 -4.23 -4.48 11.93
N SER A 6 -3.65 -5.65 12.18
CA SER A 6 -2.65 -5.81 13.22
C SER A 6 -1.33 -5.14 12.81
N GLY A 7 -0.82 -5.55 11.65
CA GLY A 7 0.42 -4.98 11.16
C GLY A 7 0.20 -3.95 10.07
N GLY A 8 1.29 -3.51 9.44
CA GLY A 8 1.19 -2.52 8.39
C GLY A 8 1.42 -3.11 7.01
N LEU A 9 2.43 -2.61 6.31
CA LEU A 9 2.74 -3.10 4.96
C LEU A 9 4.14 -3.69 4.92
N PRO A 10 4.29 -4.80 4.18
CA PRO A 10 5.58 -5.49 4.04
C PRO A 10 6.59 -4.69 3.23
N PRO A 11 7.85 -5.13 3.25
CA PRO A 11 8.94 -4.47 2.52
C PRO A 11 8.80 -4.63 1.01
N GLY A 12 8.44 -3.54 0.33
CA GLY A 12 8.29 -3.58 -1.11
C GLY A 12 7.18 -2.67 -1.60
N TRP A 13 6.26 -2.33 -0.71
CA TRP A 13 5.14 -1.46 -1.06
C TRP A 13 5.59 0.00 -1.17
N ARG A 14 4.76 0.82 -1.80
CA ARG A 14 5.09 2.23 -1.98
C ARG A 14 3.82 3.07 -2.07
N LYS A 15 3.68 4.04 -1.17
CA LYS A 15 2.52 4.90 -1.14
C LYS A 15 2.71 6.11 -2.05
N ILE A 16 1.94 6.18 -3.13
CA ILE A 16 2.02 7.28 -4.08
C ILE A 16 0.88 8.27 -3.88
N HIS A 17 1.11 9.52 -4.28
CA HIS A 17 0.10 10.55 -4.15
C HIS A 17 -0.03 11.34 -5.45
N ASP A 18 -1.13 11.13 -6.16
CA ASP A 18 -1.37 11.83 -7.42
C ASP A 18 -2.65 12.67 -7.33
N ALA A 19 -3.01 13.29 -8.45
CA ALA A 19 -4.21 14.13 -8.51
C ALA A 19 -5.48 13.28 -8.43
N ALA A 20 -5.37 12.04 -8.90
CA ALA A 20 -6.51 11.13 -8.88
C ALA A 20 -6.77 10.60 -7.47
N GLY A 21 -5.70 10.25 -6.77
CA GLY A 21 -5.84 9.74 -5.42
C GLY A 21 -4.56 9.09 -4.91
N THR A 22 -4.70 8.19 -3.95
CA THR A 22 -3.55 7.49 -3.38
C THR A 22 -3.74 5.99 -3.42
N TYR A 23 -2.76 5.29 -3.99
CA TYR A 23 -2.82 3.83 -4.08
C TYR A 23 -1.55 3.19 -3.53
N TYR A 24 -1.55 1.87 -3.43
CA TYR A 24 -0.41 1.13 -2.91
C TYR A 24 0.15 0.18 -3.96
N TRP A 25 1.43 0.36 -4.28
CA TRP A 25 2.09 -0.48 -5.28
C TRP A 25 3.14 -1.37 -4.63
N HIS A 26 3.08 -2.66 -4.92
CA HIS A 26 4.03 -3.62 -4.36
C HIS A 26 5.13 -3.94 -5.36
N VAL A 27 6.38 -3.73 -4.96
CA VAL A 27 7.52 -4.00 -5.82
C VAL A 27 7.66 -5.49 -6.11
N PRO A 28 7.70 -6.30 -5.04
CA PRO A 28 7.83 -7.75 -5.15
C PRO A 28 6.57 -8.40 -5.71
N SER A 29 5.43 -8.07 -5.12
CA SER A 29 4.15 -8.62 -5.55
C SER A 29 3.66 -7.92 -6.81
N GLY A 30 4.43 -6.96 -7.29
CA GLY A 30 4.07 -6.23 -8.49
C GLY A 30 2.57 -6.05 -8.61
N SER A 31 1.92 -5.72 -7.50
CA SER A 31 0.47 -5.53 -7.49
C SER A 31 0.12 -4.09 -7.09
N THR A 32 -1.00 -3.60 -7.61
CA THR A 32 -1.45 -2.25 -7.31
C THR A 32 -2.93 -2.22 -6.97
N GLN A 33 -3.23 -1.96 -5.69
CA GLN A 33 -4.62 -1.91 -5.24
C GLN A 33 -5.00 -0.50 -4.80
N TRP A 34 -6.28 -0.30 -4.53
CA TRP A 34 -6.77 1.01 -4.11
C TRP A 34 -6.72 1.14 -2.59
N GLN A 35 -6.91 0.02 -1.89
CA GLN A 35 -6.89 0.02 -0.44
C GLN A 35 -5.51 -0.42 0.08
N ARG A 36 -5.39 -0.48 1.40
CA ARG A 36 -4.13 -0.89 2.03
C ARG A 36 -3.93 -2.39 1.93
N PRO A 37 -2.84 -2.81 1.26
CA PRO A 37 -2.51 -4.22 1.08
C PRO A 37 -2.09 -4.90 2.39
N THR A 38 -2.01 -6.22 2.37
CA THR A 38 -1.62 -6.99 3.55
C THR A 38 -0.52 -7.99 3.22
N TRP A 39 0.17 -8.46 4.25
CA TRP A 39 1.25 -9.43 4.07
C TRP A 39 0.75 -10.66 3.31
N GLY A 1 -16.41 -2.08 15.58
CA GLY A 1 -16.45 -1.12 14.50
C GLY A 1 -15.14 -1.02 13.75
N SER A 2 -14.55 0.17 13.72
CA SER A 2 -13.29 0.40 13.04
C SER A 2 -12.20 0.80 14.03
N SER A 3 -10.99 0.32 13.79
CA SER A 3 -9.86 0.62 14.66
C SER A 3 -8.81 1.44 13.91
N GLY A 4 -8.55 2.64 14.41
CA GLY A 4 -7.57 3.52 13.79
C GLY A 4 -6.29 2.79 13.45
N SER A 5 -5.83 2.92 12.21
CA SER A 5 -4.60 2.27 11.76
C SER A 5 -3.56 3.31 11.34
N SER A 6 -2.29 2.95 11.49
CA SER A 6 -1.19 3.84 11.12
C SER A 6 -0.33 3.22 10.03
N GLY A 7 0.03 1.95 10.22
CA GLY A 7 0.85 1.27 9.24
C GLY A 7 0.68 -0.24 9.30
N GLY A 8 1.02 -0.92 8.21
CA GLY A 8 0.91 -2.36 8.16
C GLY A 8 1.13 -2.93 6.77
N LEU A 9 2.34 -2.76 6.26
CA LEU A 9 2.68 -3.24 4.93
C LEU A 9 4.09 -3.82 4.91
N PRO A 10 4.27 -4.91 4.15
CA PRO A 10 5.56 -5.59 4.01
C PRO A 10 6.58 -4.76 3.24
N PRO A 11 7.85 -5.18 3.28
CA PRO A 11 8.93 -4.49 2.58
C PRO A 11 8.83 -4.63 1.07
N GLY A 12 8.42 -3.56 0.40
CA GLY A 12 8.29 -3.59 -1.04
C GLY A 12 7.20 -2.67 -1.54
N TRP A 13 6.26 -2.34 -0.66
CA TRP A 13 5.14 -1.47 -1.02
C TRP A 13 5.59 -0.01 -1.10
N ARG A 14 4.79 0.82 -1.78
CA ARG A 14 5.12 2.22 -1.92
C ARG A 14 3.84 3.06 -2.06
N LYS A 15 3.70 4.06 -1.20
CA LYS A 15 2.53 4.94 -1.23
C LYS A 15 2.75 6.11 -2.18
N ILE A 16 1.98 6.12 -3.27
CA ILE A 16 2.10 7.19 -4.26
C ILE A 16 0.97 8.21 -4.09
N HIS A 17 1.22 9.43 -4.53
CA HIS A 17 0.23 10.50 -4.44
C HIS A 17 0.01 11.17 -5.79
N ASP A 18 -1.13 10.91 -6.40
CA ASP A 18 -1.45 11.49 -7.71
C ASP A 18 -2.71 12.35 -7.62
N ALA A 19 -2.96 13.14 -8.66
CA ALA A 19 -4.13 14.01 -8.70
C ALA A 19 -5.42 13.21 -8.50
N ALA A 20 -5.37 11.93 -8.83
CA ALA A 20 -6.53 11.06 -8.68
C ALA A 20 -6.74 10.69 -7.22
N GLY A 21 -5.67 10.37 -6.52
CA GLY A 21 -5.76 10.00 -5.12
C GLY A 21 -4.49 9.35 -4.61
N THR A 22 -4.64 8.33 -3.76
CA THR A 22 -3.51 7.63 -3.19
C THR A 22 -3.71 6.12 -3.24
N TYR A 23 -2.77 5.42 -3.85
CA TYR A 23 -2.84 3.97 -3.96
C TYR A 23 -1.57 3.31 -3.44
N TYR A 24 -1.57 1.99 -3.38
CA TYR A 24 -0.43 1.24 -2.90
C TYR A 24 0.12 0.32 -3.98
N TRP A 25 1.43 0.40 -4.22
CA TRP A 25 2.08 -0.42 -5.23
C TRP A 25 3.15 -1.31 -4.61
N HIS A 26 3.03 -2.61 -4.83
CA HIS A 26 3.99 -3.57 -4.29
C HIS A 26 5.11 -3.85 -5.29
N VAL A 27 6.35 -3.68 -4.85
CA VAL A 27 7.50 -3.91 -5.71
C VAL A 27 7.64 -5.38 -6.07
N PRO A 28 7.68 -6.25 -5.04
CA PRO A 28 7.81 -7.70 -5.21
C PRO A 28 6.55 -8.32 -5.80
N SER A 29 5.40 -8.02 -5.20
CA SER A 29 4.13 -8.54 -5.67
C SER A 29 3.65 -7.80 -6.91
N GLY A 30 4.42 -6.81 -7.34
CA GLY A 30 4.07 -6.03 -8.50
C GLY A 30 2.56 -5.83 -8.63
N SER A 31 1.88 -5.77 -7.49
CA SER A 31 0.43 -5.59 -7.47
C SER A 31 0.07 -4.20 -6.95
N THR A 32 -0.86 -3.54 -7.64
CA THR A 32 -1.32 -2.21 -7.24
C THR A 32 -2.80 -2.21 -6.92
N GLN A 33 -3.13 -1.99 -5.65
CA GLN A 33 -4.51 -1.96 -5.22
C GLN A 33 -4.89 -0.58 -4.69
N TRP A 34 -6.18 -0.33 -4.54
CA TRP A 34 -6.67 0.95 -4.06
C TRP A 34 -6.72 0.97 -2.54
N GLN A 35 -7.05 -0.16 -1.94
CA GLN A 35 -7.13 -0.28 -0.49
C GLN A 35 -5.76 -0.56 0.11
N ARG A 36 -5.72 -0.77 1.43
CA ARG A 36 -4.47 -1.05 2.13
C ARG A 36 -4.09 -2.53 1.96
N PRO A 37 -2.93 -2.77 1.32
CA PRO A 37 -2.42 -4.12 1.09
C PRO A 37 -1.97 -4.80 2.38
N THR A 38 -2.01 -6.12 2.39
CA THR A 38 -1.60 -6.89 3.56
C THR A 38 -0.57 -7.95 3.19
N TRP A 39 0.27 -8.31 4.15
CA TRP A 39 1.30 -9.33 3.92
C TRP A 39 0.77 -10.45 3.03
#